data_7QXQ
#
_entry.id   7QXQ
#
_cell.length_a   49.224
_cell.length_b   83.332
_cell.length_c   102.017
_cell.angle_alpha   90.000
_cell.angle_beta   91.890
_cell.angle_gamma   90.000
#
_symmetry.space_group_name_H-M   'P 1 21 1'
#
loop_
_entity.id
_entity.type
_entity.pdbx_description
1 polymer 'Fragment transplantation onto hyperstable ancestor of haloalkane dehalogenases and Renilla luciferase (Anc-FT)'
2 non-polymer N-[3-BENZYL-5-(4-HYDROXYPHENYL)PYRAZIN-2-YL]-2-(4-HYDROXYPHENYL)ACETAMIDE
3 water water
#
_entity_poly.entity_id   1
_entity_poly.type   'polypeptide(L)'
_entity_poly.pdbx_seq_one_letter_code
;MVSASQRTTSTATGDEWWAKCKQVDVLDSEMSYYDSDPGKHKNTVIFLHGNPTSSYLWRNVIPHVEPLARCLAPDLIGMG
KSGKLPNHSYRFVDHYRYLSAWFDSVNLPEKVTIVCHDWGSGLGFHWCNEHRDRVKGIVHMESVVDVIESWDEWPDIEED
IALIKSEAGEEMVLKKNFFIERLLPSSIMRKLSEEEMDAYREPFVEPGESRRPTLTWPREIPIKGDGPEDVIEIVKSYNK
WLSTSKDIPKLFINADPGFFSNAIKKVTKNWPNQKTVTVKGLHFLQEDSPEEIGEAIADFLNELTKHHHHHH
;
_entity_poly.pdbx_strand_id   A,B,C
#
loop_
_chem_comp.id
_chem_comp.type
_chem_comp.name
_chem_comp.formula
CEI non-polymer N-[3-BENZYL-5-(4-HYDROXYPHENYL)PYRAZIN-2-YL]-2-(4-HYDROXYPHENYL)ACETAMIDE 'C25 H21 N3 O3'
#
# COMPACT_ATOMS: atom_id res chain seq x y z
N ALA A 12 -17.55 23.23 -7.84
CA ALA A 12 -17.29 24.45 -7.08
C ALA A 12 -16.22 25.33 -7.75
N THR A 13 -16.66 26.43 -8.36
CA THR A 13 -15.74 27.34 -9.06
C THR A 13 -14.74 27.97 -8.08
N GLY A 14 -13.76 28.69 -8.64
CA GLY A 14 -12.84 29.44 -7.81
C GLY A 14 -13.50 30.64 -7.20
N ASP A 15 -14.26 31.39 -7.99
CA ASP A 15 -15.02 32.51 -7.47
C ASP A 15 -16.00 32.08 -6.41
N GLU A 16 -16.59 30.88 -6.54
CA GLU A 16 -17.49 30.40 -5.49
C GLU A 16 -16.74 30.10 -4.20
N TRP A 17 -15.55 29.51 -4.31
CA TRP A 17 -14.78 29.23 -3.11
C TRP A 17 -14.34 30.53 -2.44
N TRP A 18 -13.70 31.42 -3.21
CA TRP A 18 -13.14 32.61 -2.59
C TRP A 18 -14.23 33.58 -2.14
N ALA A 19 -15.46 33.42 -2.63
CA ALA A 19 -16.54 34.29 -2.17
C ALA A 19 -16.88 34.04 -0.71
N LYS A 20 -16.64 32.82 -0.24
CA LYS A 20 -16.85 32.43 1.15
C LYS A 20 -15.66 32.74 2.03
N CYS A 21 -14.61 33.33 1.46
CA CYS A 21 -13.34 33.51 2.16
C CYS A 21 -13.22 34.96 2.66
N LYS A 22 -12.33 35.15 3.63
CA LYS A 22 -12.05 36.45 4.22
C LYS A 22 -10.67 36.94 3.82
N GLN A 23 -10.41 38.22 4.14
CA GLN A 23 -9.10 38.81 4.03
C GLN A 23 -8.75 39.52 5.33
N VAL A 24 -7.47 39.49 5.68
CA VAL A 24 -7.01 40.24 6.84
C VAL A 24 -5.60 40.74 6.53
N ASP A 25 -5.32 42.00 6.92
CA ASP A 25 -3.98 42.57 6.78
C ASP A 25 -2.98 41.71 7.53
N VAL A 26 -1.83 41.48 6.90
CA VAL A 26 -0.72 40.81 7.57
C VAL A 26 0.57 41.56 7.22
N LEU A 27 1.25 42.08 8.24
CA LEU A 27 2.47 42.89 8.04
C LEU A 27 2.15 43.90 6.93
N ASP A 28 2.98 44.05 5.91
CA ASP A 28 2.73 45.02 4.87
C ASP A 28 1.74 44.55 3.81
N SER A 29 1.13 43.38 3.97
CA SER A 29 0.36 42.77 2.88
C SER A 29 -1.00 42.35 3.43
N GLU A 30 -1.63 41.38 2.76
CA GLU A 30 -2.84 40.78 3.29
C GLU A 30 -2.93 39.32 2.81
N MET A 31 -3.67 38.54 3.56
CA MET A 31 -3.83 37.13 3.28
C MET A 31 -5.31 36.81 3.26
N SER A 32 -5.70 36.01 2.26
CA SER A 32 -7.05 35.51 2.15
C SER A 32 -7.13 34.18 2.87
N TYR A 33 -8.32 33.87 3.40
CA TYR A 33 -8.46 32.65 4.17
C TYR A 33 -9.94 32.29 4.34
N TYR A 34 -10.19 30.99 4.40
CA TYR A 34 -11.52 30.48 4.70
C TYR A 34 -11.69 30.40 6.22
N ASP A 35 -12.81 30.90 6.72
CA ASP A 35 -13.12 30.80 8.16
C ASP A 35 -14.57 30.36 8.27
N SER A 36 -14.78 29.18 8.84
CA SER A 36 -16.12 28.63 8.92
C SER A 36 -16.98 29.33 9.97
N ASP A 37 -16.38 29.79 11.07
CA ASP A 37 -17.11 30.36 12.20
C ASP A 37 -16.36 31.53 12.80
N PRO A 38 -16.28 32.65 12.09
CA PRO A 38 -15.51 33.79 12.61
C PRO A 38 -16.04 34.21 13.98
N GLY A 39 -15.12 34.56 14.86
CA GLY A 39 -15.47 35.05 16.18
C GLY A 39 -15.93 34.01 17.16
N LYS A 40 -16.18 32.78 16.71
CA LYS A 40 -16.68 31.73 17.59
C LYS A 40 -15.49 31.05 18.25
N HIS A 41 -15.38 31.19 19.57
CA HIS A 41 -14.36 30.49 20.35
C HIS A 41 -14.87 29.08 20.64
N LYS A 42 -14.33 28.10 19.90
CA LYS A 42 -14.68 26.70 20.04
C LYS A 42 -13.51 25.89 19.52
N ASN A 43 -13.70 24.58 19.43
CA ASN A 43 -12.78 23.70 18.75
C ASN A 43 -12.43 24.26 17.37
N THR A 44 -11.13 24.40 17.10
CA THR A 44 -10.66 25.14 15.95
C THR A 44 -9.56 24.36 15.23
N VAL A 45 -9.68 24.26 13.91
CA VAL A 45 -8.78 23.47 13.07
C VAL A 45 -8.26 24.36 11.95
N ILE A 46 -6.94 24.38 11.79
CA ILE A 46 -6.29 25.18 10.75
C ILE A 46 -5.74 24.22 9.70
N PHE A 47 -6.15 24.44 8.44
CA PHE A 47 -5.73 23.63 7.29
C PHE A 47 -4.68 24.41 6.50
N LEU A 48 -3.50 23.81 6.27
CA LEU A 48 -2.40 24.48 5.58
C LEU A 48 -2.04 23.73 4.30
N HIS A 49 -2.27 24.37 3.15
CA HIS A 49 -1.92 23.83 1.83
C HIS A 49 -0.43 24.03 1.54
N GLY A 50 0.01 23.57 0.35
CA GLY A 50 1.38 23.60 -0.10
C GLY A 50 1.50 24.05 -1.56
N ASN A 51 2.54 23.54 -2.23
CA ASN A 51 2.90 23.98 -3.58
C ASN A 51 2.36 23.04 -4.64
N PRO A 52 1.58 23.51 -5.64
CA PRO A 52 1.20 24.88 -5.99
C PRO A 52 -0.26 25.22 -5.69
N THR A 53 -0.76 24.78 -4.56
CA THR A 53 -2.20 24.81 -4.34
C THR A 53 -2.59 26.06 -3.54
N SER A 54 -3.76 26.01 -2.90
CA SER A 54 -4.29 27.12 -2.13
C SER A 54 -5.30 26.54 -1.15
N SER A 55 -6.01 27.41 -0.42
CA SER A 55 -7.09 26.93 0.44
C SER A 55 -8.12 26.13 -0.33
N TYR A 56 -8.29 26.41 -1.63
CA TYR A 56 -9.23 25.65 -2.46
C TYR A 56 -8.99 24.14 -2.38
N LEU A 57 -7.75 23.72 -2.12
CA LEU A 57 -7.42 22.30 -1.97
C LEU A 57 -8.24 21.63 -0.87
N TRP A 58 -8.69 22.37 0.12
CA TRP A 58 -9.35 21.79 1.27
C TRP A 58 -10.85 21.82 1.15
N ARG A 59 -11.39 22.24 0.00
CA ARG A 59 -12.80 22.62 -0.09
C ARG A 59 -13.73 21.43 0.16
N ASN A 60 -13.36 20.21 -0.28
CA ASN A 60 -14.19 19.04 -0.08
C ASN A 60 -13.81 18.26 1.17
N VAL A 61 -12.80 18.70 1.89
CA VAL A 61 -12.40 18.08 3.15
C VAL A 61 -13.07 18.75 4.34
N ILE A 62 -13.04 20.09 4.34
CA ILE A 62 -13.57 20.92 5.43
C ILE A 62 -15.03 20.60 5.78
N PRO A 63 -15.92 20.28 4.83
CA PRO A 63 -17.32 20.05 5.23
C PRO A 63 -17.47 18.91 6.22
N HIS A 64 -16.55 17.95 6.20
CA HIS A 64 -16.60 16.86 7.17
C HIS A 64 -16.08 17.26 8.53
N VAL A 65 -15.36 18.37 8.64
CA VAL A 65 -14.73 18.76 9.88
C VAL A 65 -15.47 19.91 10.55
N GLU A 66 -16.01 20.85 9.75
CA GLU A 66 -16.84 21.99 10.16
C GLU A 66 -17.89 21.66 11.24
N PRO A 67 -18.61 20.53 11.19
CA PRO A 67 -19.54 20.22 12.31
C PRO A 67 -18.85 20.13 13.65
N LEU A 68 -17.59 19.72 13.66
CA LEU A 68 -16.85 19.52 14.91
C LEU A 68 -15.98 20.70 15.28
N ALA A 69 -15.73 21.62 14.35
CA ALA A 69 -14.74 22.63 14.60
C ALA A 69 -14.94 23.83 13.69
N ARG A 70 -14.53 24.99 14.20
CA ARG A 70 -14.25 26.14 13.35
C ARG A 70 -13.04 25.83 12.46
N CYS A 71 -13.18 26.02 11.17
CA CYS A 71 -12.15 25.63 10.21
C CYS A 71 -11.57 26.87 9.55
N LEU A 72 -10.25 27.07 9.71
CA LEU A 72 -9.54 28.09 8.98
C LEU A 72 -8.57 27.47 7.99
N ALA A 73 -8.48 28.05 6.81
CA ALA A 73 -7.63 27.53 5.74
C ALA A 73 -7.07 28.74 5.01
N PRO A 74 -5.91 29.22 5.42
CA PRO A 74 -5.32 30.41 4.77
C PRO A 74 -4.72 30.08 3.41
N ASP A 75 -4.62 31.14 2.59
CA ASP A 75 -3.83 31.12 1.37
C ASP A 75 -2.43 31.61 1.74
N LEU A 76 -1.40 30.79 1.47
CA LEU A 76 -0.06 31.25 1.79
C LEU A 76 0.25 32.53 1.01
N ILE A 77 1.20 33.32 1.53
CA ILE A 77 1.49 34.61 0.89
C ILE A 77 1.98 34.34 -0.53
N GLY A 78 1.53 35.17 -1.47
CA GLY A 78 1.87 34.97 -2.86
C GLY A 78 1.06 33.91 -3.55
N MET A 79 0.12 33.29 -2.85
CA MET A 79 -0.63 32.19 -3.42
C MET A 79 -2.11 32.43 -3.15
N GLY A 80 -2.94 31.57 -3.73
CA GLY A 80 -4.37 31.76 -3.57
C GLY A 80 -4.75 33.19 -3.85
N LYS A 81 -5.54 33.77 -2.96
CA LYS A 81 -5.97 35.16 -3.11
C LYS A 81 -5.23 36.10 -2.17
N SER A 82 -4.14 35.63 -1.56
CA SER A 82 -3.31 36.45 -0.71
C SER A 82 -2.39 37.34 -1.54
N GLY A 83 -1.82 38.34 -0.88
CA GLY A 83 -1.05 39.34 -1.59
C GLY A 83 0.22 38.77 -2.21
N LYS A 84 0.72 39.50 -3.21
CA LYS A 84 2.02 39.20 -3.80
C LYS A 84 3.08 40.09 -3.15
N LEU A 85 4.29 39.56 -3.03
CA LEU A 85 5.39 40.31 -2.41
C LEU A 85 6.18 41.04 -3.49
N PRO A 86 6.34 42.36 -3.39
CA PRO A 86 6.98 43.11 -4.50
C PRO A 86 8.42 42.71 -4.79
N ASN A 87 9.15 42.15 -3.83
CA ASN A 87 10.51 41.69 -4.10
C ASN A 87 10.59 40.25 -4.59
N HIS A 88 9.45 39.55 -4.70
CA HIS A 88 9.41 38.16 -5.21
C HIS A 88 10.33 37.22 -4.43
N SER A 89 10.52 37.48 -3.15
CA SER A 89 11.20 36.55 -2.26
C SER A 89 10.17 35.77 -1.48
N TYR A 90 10.12 34.46 -1.71
CA TYR A 90 9.15 33.57 -1.12
C TYR A 90 9.83 32.35 -0.53
N ARG A 91 10.94 32.56 0.16
CA ARG A 91 11.58 31.45 0.84
C ARG A 91 10.72 31.01 2.02
N PHE A 92 11.09 29.86 2.59
CA PHE A 92 10.37 29.33 3.75
C PHE A 92 10.27 30.37 4.84
N VAL A 93 11.37 31.06 5.12
CA VAL A 93 11.33 32.06 6.19
C VAL A 93 10.41 33.19 5.80
N ASP A 94 10.36 33.56 4.52
CA ASP A 94 9.44 34.61 4.09
C ASP A 94 8.00 34.17 4.34
N HIS A 95 7.67 32.95 3.95
CA HIS A 95 6.34 32.42 4.18
C HIS A 95 6.01 32.37 5.66
N TYR A 96 6.96 31.92 6.48
CA TYR A 96 6.70 31.79 7.90
C TYR A 96 6.41 33.15 8.53
N ARG A 97 7.18 34.18 8.12
N ARG A 97 7.14 34.20 8.09
CA ARG A 97 6.92 35.54 8.55
CA ARG A 97 6.90 35.53 8.62
C ARG A 97 5.44 35.87 8.47
C ARG A 97 5.44 35.92 8.46
N TYR A 98 4.85 35.69 7.28
CA TYR A 98 3.48 36.10 7.05
C TYR A 98 2.48 35.14 7.70
N LEU A 99 2.67 33.83 7.54
CA LEU A 99 1.79 32.86 8.21
C LEU A 99 1.80 33.08 9.73
N SER A 100 2.99 33.23 10.31
CA SER A 100 3.11 33.46 11.75
C SER A 100 2.26 34.64 12.20
N ALA A 101 2.40 35.77 11.50
CA ALA A 101 1.58 36.95 11.77
C ALA A 101 0.11 36.67 11.51
N TRP A 102 -0.20 35.82 10.54
CA TRP A 102 -1.59 35.46 10.27
C TRP A 102 -2.20 34.73 11.46
N PHE A 103 -1.46 33.79 12.05
CA PHE A 103 -1.95 33.06 13.22
C PHE A 103 -2.39 34.03 14.32
N ASP A 104 -1.62 35.10 14.54
CA ASP A 104 -1.89 36.09 15.59
C ASP A 104 -3.07 36.99 15.27
N SER A 105 -3.63 36.96 14.06
CA SER A 105 -4.64 37.92 13.67
C SER A 105 -6.03 37.32 13.45
N VAL A 106 -6.21 36.02 13.65
CA VAL A 106 -7.53 35.44 13.40
C VAL A 106 -8.15 34.84 14.66
N ASN A 107 -7.85 35.42 15.83
CA ASN A 107 -8.63 35.14 17.05
C ASN A 107 -8.67 33.65 17.38
N LEU A 108 -7.49 33.01 17.40
CA LEU A 108 -7.42 31.59 17.70
C LEU A 108 -7.60 31.36 19.20
N PRO A 109 -8.20 30.22 19.59
CA PRO A 109 -8.26 29.88 21.01
C PRO A 109 -6.89 29.41 21.49
N GLU A 110 -6.77 29.04 22.76
CA GLU A 110 -5.45 28.77 23.32
C GLU A 110 -4.75 27.62 22.60
N LYS A 111 -5.48 26.55 22.28
CA LYS A 111 -4.93 25.43 21.54
C LYS A 111 -5.72 25.20 20.26
N VAL A 112 -4.99 24.79 19.21
CA VAL A 112 -5.57 24.49 17.90
C VAL A 112 -5.02 23.14 17.41
N THR A 113 -5.72 22.57 16.42
CA THR A 113 -5.27 21.40 15.69
C THR A 113 -4.82 21.87 14.31
N ILE A 114 -3.65 21.39 13.88
CA ILE A 114 -3.10 21.73 12.56
C ILE A 114 -3.29 20.51 11.65
N VAL A 115 -3.95 20.73 10.52
CA VAL A 115 -4.02 19.78 9.42
C VAL A 115 -3.17 20.35 8.29
N CYS A 116 -2.20 19.57 7.80
CA CYS A 116 -1.23 20.17 6.88
C CYS A 116 -0.75 19.17 5.85
N HIS A 117 -0.29 19.74 4.73
CA HIS A 117 0.07 19.06 3.50
C HIS A 117 1.28 19.77 2.92
N ASP A 118 2.28 19.00 2.50
CA ASP A 118 3.37 19.48 1.64
C ASP A 118 4.08 20.60 2.41
N TRP A 119 4.42 21.71 1.75
CA TRP A 119 5.12 22.79 2.41
C TRP A 119 4.28 23.45 3.50
N GLY A 120 2.96 23.32 3.44
CA GLY A 120 2.14 23.73 4.55
C GLY A 120 2.40 22.95 5.81
N SER A 121 2.96 21.75 5.70
CA SER A 121 3.34 20.97 6.88
C SER A 121 4.74 21.39 7.37
N GLY A 122 5.64 21.73 6.46
CA GLY A 122 6.85 22.43 6.86
C GLY A 122 6.55 23.66 7.70
N LEU A 123 5.62 24.51 7.24
CA LEU A 123 5.29 25.72 7.98
C LEU A 123 4.56 25.39 9.28
N GLY A 124 3.62 24.43 9.22
CA GLY A 124 2.87 24.08 10.42
C GLY A 124 3.73 23.37 11.46
N PHE A 125 4.52 22.38 11.04
CA PHE A 125 5.43 21.72 11.98
C PHE A 125 6.28 22.74 12.69
N HIS A 126 6.84 23.68 11.94
CA HIS A 126 7.69 24.70 12.55
C HIS A 126 6.90 25.57 13.51
N TRP A 127 5.70 25.99 13.11
CA TRP A 127 4.89 26.81 14.00
C TRP A 127 4.60 26.07 15.30
N CYS A 128 4.20 24.80 15.19
CA CYS A 128 3.97 23.98 16.36
C CYS A 128 5.22 23.89 17.24
N ASN A 129 6.38 23.62 16.62
CA ASN A 129 7.63 23.56 17.36
C ASN A 129 7.88 24.85 18.14
N GLU A 130 7.48 25.99 17.59
CA GLU A 130 7.73 27.27 18.24
C GLU A 130 6.58 27.73 19.14
N HIS A 131 5.45 27.00 19.16
CA HIS A 131 4.33 27.33 20.03
C HIS A 131 3.74 26.02 20.54
N ARG A 132 4.60 25.24 21.22
CA ARG A 132 4.23 23.88 21.58
C ARG A 132 3.02 23.85 22.50
N ASP A 133 2.91 24.83 23.42
CA ASP A 133 1.81 24.91 24.36
C ASP A 133 0.47 25.22 23.69
N ARG A 134 0.43 25.44 22.38
CA ARG A 134 -0.82 25.77 21.70
C ARG A 134 -1.27 24.67 20.75
N VAL A 135 -0.68 23.49 20.82
CA VAL A 135 -0.91 22.43 19.83
C VAL A 135 -1.85 21.39 20.44
N LYS A 136 -3.10 21.36 19.97
CA LYS A 136 -4.03 20.29 20.33
C LYS A 136 -3.69 18.97 19.64
N GLY A 137 -3.21 19.01 18.40
CA GLY A 137 -2.99 17.82 17.60
C GLY A 137 -2.54 18.18 16.22
N ILE A 138 -1.90 17.25 15.51
CA ILE A 138 -1.39 17.51 14.17
C ILE A 138 -1.83 16.38 13.25
N VAL A 139 -2.53 16.73 12.16
CA VAL A 139 -2.80 15.82 11.06
C VAL A 139 -1.90 16.22 9.91
N HIS A 140 -1.17 15.27 9.37
CA HIS A 140 -0.18 15.60 8.36
C HIS A 140 -0.24 14.54 7.27
N MET A 141 0.07 14.97 6.05
CA MET A 141 -0.02 14.07 4.90
C MET A 141 0.88 14.61 3.80
N GLU A 142 1.55 13.70 3.10
CA GLU A 142 2.52 14.06 2.07
C GLU A 142 3.33 15.27 2.52
N SER A 143 3.89 15.14 3.73
CA SER A 143 4.41 16.20 4.58
C SER A 143 5.93 16.20 4.62
N VAL A 144 6.49 17.35 4.99
CA VAL A 144 7.94 17.53 5.15
C VAL A 144 8.28 17.15 6.58
N VAL A 145 8.71 15.89 6.80
CA VAL A 145 8.96 15.40 8.15
C VAL A 145 10.44 15.30 8.50
N ASP A 146 11.34 15.39 7.53
CA ASP A 146 12.77 15.24 7.81
C ASP A 146 13.58 15.71 6.62
N VAL A 147 14.88 15.85 6.86
CA VAL A 147 15.83 16.17 5.80
C VAL A 147 16.00 14.94 4.91
N ILE A 148 16.15 15.18 3.61
CA ILE A 148 16.38 14.07 2.69
C ILE A 148 17.86 13.73 2.74
N GLU A 149 18.19 12.56 3.29
CA GLU A 149 19.58 12.15 3.43
C GLU A 149 20.02 11.10 2.42
N SER A 150 19.09 10.33 1.86
CA SER A 150 19.41 9.33 0.84
C SER A 150 18.28 9.31 -0.17
N TRP A 151 18.64 9.41 -1.45
CA TRP A 151 17.66 9.27 -2.52
C TRP A 151 17.14 7.85 -2.69
N ASP A 152 17.62 6.91 -1.87
CA ASP A 152 17.11 5.55 -1.88
C ASP A 152 15.96 5.34 -0.91
N GLU A 153 15.79 6.27 0.02
CA GLU A 153 14.67 6.27 0.96
C GLU A 153 13.50 7.11 0.48
N TRP A 154 13.64 7.80 -0.64
CA TRP A 154 12.77 8.90 -1.02
C TRP A 154 12.44 8.78 -2.50
N PRO A 155 11.36 9.42 -2.95
CA PRO A 155 11.10 9.46 -4.40
C PRO A 155 12.26 10.10 -5.14
N ASP A 156 12.59 9.52 -6.29
CA ASP A 156 13.83 9.87 -6.99
C ASP A 156 13.57 11.10 -7.84
N ILE A 157 13.71 12.28 -7.20
CA ILE A 157 13.57 13.58 -7.84
C ILE A 157 14.87 14.36 -7.81
N GLU A 158 15.98 13.69 -7.50
CA GLU A 158 17.30 14.31 -7.47
C GLU A 158 17.58 15.12 -8.74
N GLU A 159 17.45 14.48 -9.90
CA GLU A 159 17.70 15.16 -11.17
C GLU A 159 16.66 16.26 -11.45
N ASP A 160 15.42 16.07 -11.02
CA ASP A 160 14.42 17.11 -11.25
C ASP A 160 14.72 18.35 -10.41
N ILE A 161 15.12 18.15 -9.16
CA ILE A 161 15.47 19.26 -8.29
C ILE A 161 16.66 20.03 -8.85
N ALA A 162 17.71 19.30 -9.27
CA ALA A 162 18.84 19.94 -9.93
C ALA A 162 18.37 20.78 -11.12
N LEU A 163 17.54 20.18 -11.98
CA LEU A 163 16.96 20.90 -13.11
C LEU A 163 16.23 22.17 -12.66
N ILE A 164 15.39 22.06 -11.64
CA ILE A 164 14.62 23.23 -11.21
C ILE A 164 15.53 24.30 -10.60
N LYS A 165 16.65 23.91 -9.99
CA LYS A 165 17.55 24.88 -9.39
C LYS A 165 18.37 25.65 -10.42
N SER A 166 18.47 25.14 -11.64
CA SER A 166 19.21 25.80 -12.69
C SER A 166 18.35 26.90 -13.32
N GLU A 167 18.93 27.61 -14.29
CA GLU A 167 18.20 28.64 -15.02
C GLU A 167 17.00 28.08 -15.78
N ALA A 168 16.98 26.79 -16.09
CA ALA A 168 15.82 26.24 -16.75
C ALA A 168 14.59 26.32 -15.85
N GLY A 169 14.80 26.48 -14.54
CA GLY A 169 13.68 26.59 -13.62
C GLY A 169 12.79 27.78 -13.93
N GLU A 170 13.40 28.93 -14.17
CA GLU A 170 12.64 30.14 -14.50
C GLU A 170 11.76 29.90 -15.72
N GLU A 171 12.30 29.25 -16.76
CA GLU A 171 11.53 29.00 -17.97
C GLU A 171 10.38 28.04 -17.68
N MET A 172 10.67 26.96 -16.94
CA MET A 172 9.66 25.95 -16.68
C MET A 172 8.47 26.52 -15.94
N VAL A 173 8.73 27.41 -14.98
CA VAL A 173 7.66 27.87 -14.10
C VAL A 173 7.16 29.24 -14.50
N LEU A 174 8.05 30.25 -14.48
CA LEU A 174 7.60 31.61 -14.77
C LEU A 174 6.93 31.68 -16.14
N LYS A 175 7.51 31.03 -17.14
CA LYS A 175 6.89 31.08 -18.45
C LYS A 175 5.91 29.91 -18.70
N LYS A 176 6.27 28.68 -18.40
CA LYS A 176 5.39 27.56 -18.75
C LYS A 176 4.59 27.00 -17.57
N ASN A 177 4.68 27.61 -16.38
CA ASN A 177 3.82 27.24 -15.25
C ASN A 177 3.81 25.74 -15.02
N PHE A 178 5.01 25.15 -15.04
CA PHE A 178 5.17 23.69 -14.98
C PHE A 178 4.41 23.08 -13.81
N PHE A 179 4.47 23.71 -12.63
CA PHE A 179 3.89 23.03 -11.47
C PHE A 179 2.39 22.96 -11.57
N ILE A 180 1.79 23.99 -12.16
CA ILE A 180 0.35 24.05 -12.30
C ILE A 180 -0.12 23.16 -13.46
N GLU A 181 0.54 23.27 -14.61
CA GLU A 181 0.02 22.67 -15.84
C GLU A 181 0.41 21.21 -16.01
N ARG A 182 1.49 20.76 -15.35
CA ARG A 182 1.98 19.40 -15.49
C ARG A 182 2.10 18.68 -14.16
N LEU A 183 2.79 19.24 -13.17
CA LEU A 183 2.97 18.49 -11.93
C LEU A 183 1.64 18.23 -11.26
N LEU A 184 0.84 19.29 -11.04
CA LEU A 184 -0.41 19.16 -10.29
C LEU A 184 -1.35 18.10 -10.87
N PRO A 185 -1.69 18.09 -12.16
CA PRO A 185 -2.63 17.06 -12.63
C PRO A 185 -2.01 15.68 -12.73
N SER A 186 -0.69 15.60 -12.89
CA SER A 186 0.00 14.33 -12.93
C SER A 186 -0.07 13.60 -11.60
N SER A 187 -0.26 14.32 -10.49
CA SER A 187 -0.28 13.63 -9.21
C SER A 187 -1.67 13.71 -8.56
N ILE A 188 -2.71 13.87 -9.38
CA ILE A 188 -4.09 13.54 -9.03
C ILE A 188 -4.49 12.36 -9.90
N MET A 189 -5.24 11.41 -9.33
CA MET A 189 -5.59 10.22 -10.11
C MET A 189 -6.76 10.50 -11.04
N ARG A 190 -7.84 11.07 -10.51
CA ARG A 190 -8.98 11.52 -11.31
C ARG A 190 -8.57 12.70 -12.20
N LYS A 191 -9.46 13.06 -13.12
CA LYS A 191 -9.27 14.24 -13.95
C LYS A 191 -10.04 15.38 -13.32
N LEU A 192 -9.35 16.50 -13.09
CA LEU A 192 -10.01 17.69 -12.61
C LEU A 192 -10.99 18.20 -13.65
N SER A 193 -12.11 18.74 -13.20
CA SER A 193 -12.93 19.54 -14.08
C SER A 193 -12.17 20.79 -14.50
N GLU A 194 -12.61 21.42 -15.58
N GLU A 194 -12.60 21.38 -15.62
CA GLU A 194 -11.85 22.57 -16.06
CA GLU A 194 -11.96 22.58 -16.12
C GLU A 194 -12.15 23.83 -15.26
C GLU A 194 -12.06 23.70 -15.10
N GLU A 195 -13.23 23.87 -14.47
CA GLU A 195 -13.38 24.95 -13.52
C GLU A 195 -12.59 24.69 -12.24
N GLU A 196 -12.35 23.41 -11.89
CA GLU A 196 -11.40 23.12 -10.82
C GLU A 196 -9.98 23.48 -11.24
N MET A 197 -9.61 23.18 -12.49
CA MET A 197 -8.27 23.54 -12.96
C MET A 197 -8.08 25.06 -13.01
N ASP A 198 -9.11 25.81 -13.44
CA ASP A 198 -9.00 27.26 -13.47
C ASP A 198 -8.90 27.85 -12.07
N ALA A 199 -9.56 27.23 -11.09
CA ALA A 199 -9.39 27.64 -9.70
C ALA A 199 -7.92 27.61 -9.32
N TYR A 200 -7.21 26.57 -9.74
CA TYR A 200 -5.79 26.47 -9.42
C TYR A 200 -4.93 27.36 -10.31
N ARG A 201 -5.32 27.56 -11.57
CA ARG A 201 -4.58 28.47 -12.44
C ARG A 201 -4.69 29.91 -11.95
N GLU A 202 -5.84 30.28 -11.40
CA GLU A 202 -6.21 31.67 -11.17
C GLU A 202 -5.14 32.54 -10.51
N PRO A 203 -4.48 32.13 -9.42
CA PRO A 203 -3.49 33.05 -8.82
C PRO A 203 -2.24 33.21 -9.67
N PHE A 204 -2.08 32.39 -10.72
CA PHE A 204 -0.83 32.35 -11.46
C PHE A 204 -1.04 32.61 -12.95
N VAL A 205 -2.18 33.23 -13.33
CA VAL A 205 -2.51 33.40 -14.75
C VAL A 205 -1.55 34.38 -15.44
N GLU A 206 -1.15 35.44 -14.74
CA GLU A 206 -0.14 36.34 -15.32
C GLU A 206 1.22 35.66 -15.35
N PRO A 207 1.82 35.42 -16.52
CA PRO A 207 3.17 34.83 -16.55
C PRO A 207 4.20 35.77 -15.94
N GLY A 208 5.35 35.22 -15.58
CA GLY A 208 6.34 36.00 -14.87
C GLY A 208 6.30 35.75 -13.38
N GLU A 209 6.62 36.78 -12.59
CA GLU A 209 6.95 36.61 -11.19
C GLU A 209 5.75 36.23 -10.31
N SER A 210 4.52 36.34 -10.81
CA SER A 210 3.41 35.89 -10.00
C SER A 210 3.50 34.40 -9.72
N ARG A 211 4.22 33.67 -10.55
CA ARG A 211 4.41 32.23 -10.39
C ARG A 211 5.63 31.90 -9.54
N ARG A 212 6.43 32.89 -9.20
CA ARG A 212 7.65 32.67 -8.44
C ARG A 212 7.47 31.77 -7.21
N PRO A 213 6.36 31.84 -6.44
CA PRO A 213 6.24 30.95 -5.27
C PRO A 213 6.26 29.48 -5.64
N THR A 214 5.74 29.10 -6.82
CA THR A 214 5.76 27.70 -7.19
C THR A 214 7.13 27.25 -7.72
N LEU A 215 8.08 28.17 -7.87
CA LEU A 215 9.46 27.83 -8.21
C LEU A 215 10.38 27.86 -6.99
N THR A 216 10.19 28.85 -6.13
CA THR A 216 11.01 28.93 -4.93
C THR A 216 10.76 27.74 -4.02
N TRP A 217 9.52 27.25 -3.95
CA TRP A 217 9.19 26.19 -2.99
C TRP A 217 10.01 24.91 -3.23
N PRO A 218 10.07 24.33 -4.43
CA PRO A 218 10.94 23.14 -4.59
C PRO A 218 12.40 23.49 -4.46
N ARG A 219 12.78 24.76 -4.66
CA ARG A 219 14.16 25.14 -4.44
C ARG A 219 14.53 25.11 -2.96
N GLU A 220 13.55 25.11 -2.07
CA GLU A 220 13.79 25.04 -0.64
C GLU A 220 13.93 23.62 -0.09
N ILE A 221 13.81 22.58 -0.93
CA ILE A 221 13.60 21.24 -0.38
C ILE A 221 14.82 20.84 0.45
N PRO A 222 14.64 20.36 1.69
CA PRO A 222 15.82 20.16 2.57
C PRO A 222 16.58 18.90 2.22
N ILE A 223 17.60 19.02 1.37
CA ILE A 223 18.42 17.89 0.95
C ILE A 223 19.77 18.02 1.64
N LYS A 224 20.17 16.97 2.35
CA LYS A 224 21.47 16.91 3.01
C LYS A 224 22.58 17.13 1.99
N GLY A 225 23.40 18.16 2.21
CA GLY A 225 24.46 18.49 1.29
C GLY A 225 24.02 19.18 0.01
N ASP A 226 22.76 19.61 -0.07
CA ASP A 226 22.29 20.33 -1.25
C ASP A 226 21.19 21.34 -0.96
N GLY A 227 20.50 21.20 0.18
CA GLY A 227 19.44 22.11 0.55
C GLY A 227 19.94 23.26 1.40
N PRO A 228 19.12 24.31 1.55
CA PRO A 228 19.57 25.49 2.27
C PRO A 228 19.67 25.22 3.75
N GLU A 229 20.73 25.75 4.36
CA GLU A 229 21.02 25.42 5.76
C GLU A 229 19.93 25.92 6.70
N ASP A 230 19.28 27.05 6.39
CA ASP A 230 18.26 27.54 7.31
C ASP A 230 17.04 26.63 7.29
N VAL A 231 16.66 26.11 6.13
CA VAL A 231 15.52 25.20 6.11
C VAL A 231 15.90 23.87 6.74
N ILE A 232 17.16 23.44 6.55
CA ILE A 232 17.59 22.18 7.11
C ILE A 232 17.58 22.23 8.64
N GLU A 233 18.11 23.31 9.23
CA GLU A 233 18.11 23.45 10.68
C GLU A 233 16.69 23.50 11.25
N ILE A 234 15.78 24.21 10.57
CA ILE A 234 14.37 24.27 10.97
C ILE A 234 13.75 22.87 10.93
N VAL A 235 13.97 22.14 9.84
CA VAL A 235 13.40 20.80 9.71
C VAL A 235 14.02 19.83 10.72
N LYS A 236 15.35 19.83 10.83
CA LYS A 236 16.00 18.97 11.81
C LYS A 236 15.44 19.21 13.20
N SER A 237 15.16 20.46 13.52
CA SER A 237 14.76 20.79 14.89
C SER A 237 13.29 20.50 15.14
N TYR A 238 12.42 20.62 14.13
CA TYR A 238 11.06 20.19 14.42
C TYR A 238 10.89 18.69 14.27
N ASN A 239 11.75 18.04 13.47
CA ASN A 239 11.75 16.58 13.42
C ASN A 239 12.17 16.00 14.78
N LYS A 240 13.24 16.55 15.37
CA LYS A 240 13.66 16.11 16.70
C LYS A 240 12.52 16.25 17.70
N TRP A 241 11.85 17.41 17.69
CA TRP A 241 10.73 17.62 18.60
C TRP A 241 9.58 16.63 18.35
N LEU A 242 9.18 16.46 17.09
CA LEU A 242 8.08 15.56 16.80
C LEU A 242 8.40 14.12 17.18
N SER A 243 9.68 13.73 17.03
CA SER A 243 10.06 12.35 17.32
C SER A 243 9.87 11.98 18.79
N THR A 244 9.72 12.96 19.69
CA THR A 244 9.51 12.66 21.11
C THR A 244 8.31 13.41 21.67
N SER A 245 7.32 13.69 20.83
CA SER A 245 6.19 14.52 21.23
C SER A 245 5.04 13.66 21.76
N LYS A 246 5.34 12.90 22.84
CA LYS A 246 4.39 11.94 23.39
C LYS A 246 3.08 12.58 23.82
N ASP A 247 3.09 13.88 24.12
CA ASP A 247 1.92 14.61 24.58
C ASP A 247 1.10 15.21 23.44
N ILE A 248 1.57 15.11 22.20
CA ILE A 248 0.92 15.72 21.04
C ILE A 248 0.28 14.59 20.24
N PRO A 249 -1.06 14.51 20.18
CA PRO A 249 -1.68 13.48 19.34
C PRO A 249 -1.52 13.83 17.87
N LYS A 250 -1.17 12.82 17.08
CA LYS A 250 -0.80 13.02 15.69
C LYS A 250 -1.48 11.97 14.82
N LEU A 251 -1.97 12.40 13.67
CA LEU A 251 -2.53 11.54 12.63
C LEU A 251 -1.71 11.72 11.36
N PHE A 252 -1.15 10.62 10.86
CA PHE A 252 -0.50 10.59 9.56
C PHE A 252 -1.49 9.98 8.57
N ILE A 253 -1.93 10.75 7.59
CA ILE A 253 -2.81 10.21 6.56
C ILE A 253 -1.90 9.76 5.41
N ASN A 254 -1.78 8.45 5.27
CA ASN A 254 -0.92 7.83 4.27
C ASN A 254 -1.65 7.74 2.94
N ALA A 255 -1.02 8.21 1.87
CA ALA A 255 -1.61 8.13 0.55
C ALA A 255 -1.08 6.89 -0.17
N ASP A 256 -1.99 6.09 -0.72
CA ASP A 256 -1.62 4.88 -1.44
C ASP A 256 -1.91 5.06 -2.92
N PRO A 257 -0.91 5.07 -3.81
CA PRO A 257 0.50 4.83 -3.51
C PRO A 257 1.25 6.06 -3.06
N GLY A 258 0.64 7.23 -3.25
CA GLY A 258 1.26 8.43 -2.74
C GLY A 258 2.49 8.84 -3.54
N PHE A 259 3.20 9.83 -2.96
CA PHE A 259 4.46 10.33 -3.51
C PHE A 259 5.55 10.29 -2.44
N PHE A 260 5.49 11.22 -1.47
CA PHE A 260 6.35 11.13 -0.29
C PHE A 260 5.83 10.18 0.77
N SER A 261 4.66 9.58 0.57
CA SER A 261 4.01 8.83 1.65
C SER A 261 4.91 7.70 2.15
N ASN A 262 5.50 6.93 1.23
CA ASN A 262 6.31 5.78 1.68
C ASN A 262 7.51 6.24 2.50
N ALA A 263 8.17 7.31 2.09
CA ALA A 263 9.28 7.80 2.89
C ALA A 263 8.80 8.33 4.25
N ILE A 264 7.65 9.00 4.28
CA ILE A 264 7.10 9.48 5.55
C ILE A 264 6.76 8.31 6.47
N LYS A 265 6.21 7.24 5.89
CA LYS A 265 5.86 6.07 6.67
C LYS A 265 7.03 5.60 7.54
N LYS A 266 8.23 5.53 6.96
CA LYS A 266 9.35 5.03 7.74
C LYS A 266 10.08 6.11 8.51
N VAL A 267 10.08 7.38 8.06
CA VAL A 267 10.68 8.43 8.88
C VAL A 267 9.95 8.55 10.22
N THR A 268 8.66 8.26 10.25
CA THR A 268 7.88 8.49 11.46
C THR A 268 7.58 7.20 12.23
N LYS A 269 8.26 6.09 11.92
CA LYS A 269 8.05 4.83 12.65
C LYS A 269 8.17 5.03 14.15
N ASN A 270 9.18 5.79 14.57
CA ASN A 270 9.53 5.97 15.98
C ASN A 270 8.65 6.99 16.69
N TRP A 271 7.90 7.81 15.95
CA TRP A 271 7.21 8.92 16.59
C TRP A 271 6.14 8.42 17.55
N PRO A 272 6.12 8.91 18.79
CA PRO A 272 5.08 8.49 19.74
C PRO A 272 3.75 9.16 19.45
N ASN A 273 2.67 8.48 19.87
CA ASN A 273 1.31 9.02 19.78
C ASN A 273 0.99 9.48 18.36
N GLN A 274 1.17 8.58 17.40
CA GLN A 274 0.78 8.84 16.02
C GLN A 274 0.00 7.65 15.50
N LYS A 275 -1.20 7.89 15.03
CA LYS A 275 -1.93 6.85 14.32
C LYS A 275 -1.87 7.09 12.82
N THR A 276 -2.05 6.02 12.06
CA THR A 276 -1.96 6.07 10.61
C THR A 276 -3.27 5.60 10.00
N VAL A 277 -3.72 6.35 8.99
CA VAL A 277 -4.83 5.95 8.15
C VAL A 277 -4.40 6.10 6.70
N THR A 278 -4.67 5.08 5.89
CA THR A 278 -4.29 5.04 4.48
C THR A 278 -5.52 5.31 3.62
N VAL A 279 -5.35 6.14 2.59
CA VAL A 279 -6.40 6.47 1.64
C VAL A 279 -5.81 6.36 0.23
N LYS A 280 -6.69 6.38 -0.75
CA LYS A 280 -6.25 6.33 -2.15
C LYS A 280 -5.75 7.70 -2.58
N GLY A 281 -4.57 7.75 -3.18
CA GLY A 281 -4.10 9.01 -3.70
C GLY A 281 -2.64 9.02 -4.10
N LEU A 282 -2.29 9.95 -4.97
CA LEU A 282 -0.87 10.27 -5.20
C LEU A 282 -0.52 11.43 -4.30
N HIS A 283 0.13 12.48 -4.81
CA HIS A 283 0.55 13.55 -3.91
C HIS A 283 -0.64 14.38 -3.42
N PHE A 284 -1.53 14.76 -4.33
CA PHE A 284 -2.64 15.66 -3.98
C PHE A 284 -3.88 14.86 -3.58
N LEU A 285 -3.65 14.03 -2.55
CA LEU A 285 -4.63 13.03 -2.12
C LEU A 285 -6.00 13.64 -1.83
N GLN A 286 -6.04 14.94 -1.46
CA GLN A 286 -7.29 15.60 -1.14
C GLN A 286 -8.25 15.65 -2.32
N GLU A 287 -7.74 15.53 -3.54
CA GLU A 287 -8.58 15.59 -4.72
C GLU A 287 -9.10 14.23 -5.11
N ASP A 288 -8.55 13.16 -4.55
CA ASP A 288 -9.01 11.82 -4.85
C ASP A 288 -9.83 11.20 -3.73
N SER A 289 -9.53 11.51 -2.46
CA SER A 289 -10.27 10.94 -1.34
C SER A 289 -10.68 12.03 -0.35
N PRO A 290 -11.32 13.10 -0.83
CA PRO A 290 -11.67 14.19 0.10
C PRO A 290 -12.53 13.72 1.25
N GLU A 291 -13.51 12.87 0.98
CA GLU A 291 -14.40 12.44 2.04
C GLU A 291 -13.68 11.59 3.07
N GLU A 292 -12.84 10.66 2.61
CA GLU A 292 -12.17 9.78 3.56
C GLU A 292 -11.09 10.52 4.34
N ILE A 293 -10.47 11.53 3.74
CA ILE A 293 -9.61 12.39 4.54
C ILE A 293 -10.44 13.18 5.56
N GLY A 294 -11.58 13.73 5.13
CA GLY A 294 -12.44 14.44 6.04
C GLY A 294 -12.94 13.59 7.20
N GLU A 295 -13.33 12.35 6.92
CA GLU A 295 -13.83 11.48 8.00
C GLU A 295 -12.72 11.13 8.99
N ALA A 296 -11.50 10.87 8.50
CA ALA A 296 -10.41 10.54 9.40
C ALA A 296 -10.06 11.70 10.32
N ILE A 297 -10.21 12.94 9.84
CA ILE A 297 -9.95 14.10 10.70
C ILE A 297 -11.04 14.21 11.77
N ALA A 298 -12.31 14.06 11.36
CA ALA A 298 -13.41 14.07 12.31
C ALA A 298 -13.24 12.97 13.36
N ASP A 299 -12.83 11.77 12.97
CA ASP A 299 -12.57 10.72 13.96
C ASP A 299 -11.44 11.12 14.90
N PHE A 300 -10.35 11.64 14.35
CA PHE A 300 -9.22 12.10 15.15
C PHE A 300 -9.67 13.16 16.14
N LEU A 301 -10.51 14.09 15.70
CA LEU A 301 -10.98 15.16 16.57
C LEU A 301 -11.91 14.63 17.65
N ASN A 302 -12.73 13.62 17.34
CA ASN A 302 -13.58 13.04 18.39
C ASN A 302 -12.75 12.31 19.43
N GLU A 303 -11.69 11.61 19.00
CA GLU A 303 -10.80 10.96 19.94
C GLU A 303 -10.04 11.95 20.79
N LEU A 304 -9.64 13.11 20.22
CA LEU A 304 -8.91 14.12 20.99
C LEU A 304 -9.66 14.49 22.26
N THR A 305 -10.96 14.76 22.13
CA THR A 305 -11.77 15.22 23.25
C THR A 305 -11.80 14.23 24.40
N LYS A 306 -11.46 12.96 24.14
CA LYS A 306 -11.35 11.96 25.19
C LYS A 306 -10.05 12.11 25.96
N HIS A 307 -9.06 12.78 25.37
CA HIS A 307 -7.79 13.10 26.04
C HIS A 307 -7.23 11.86 26.72
N HIS A 308 -7.09 10.80 25.94
CA HIS A 308 -6.68 9.52 26.49
C HIS A 308 -5.26 9.59 27.03
N HIS A 309 -5.08 8.90 28.15
CA HIS A 309 -3.75 8.79 28.82
C HIS A 309 -3.08 7.55 28.25
N HIS A 310 -2.27 7.71 27.20
CA HIS A 310 -1.68 6.58 26.50
C HIS A 310 -0.51 6.00 27.27
N HIS A 311 -0.32 4.69 27.10
CA HIS A 311 0.76 4.01 27.81
C HIS A 311 2.05 3.94 27.01
N HIS A 312 1.97 3.93 25.67
CA HIS A 312 3.15 3.79 24.83
C HIS A 312 2.84 4.17 23.39
N ALA B 12 20.08 -4.76 -35.86
CA ALA B 12 19.71 -3.46 -35.28
C ALA B 12 20.08 -3.37 -33.79
N THR B 13 20.97 -2.43 -33.47
CA THR B 13 21.32 -2.18 -32.08
C THR B 13 20.19 -1.43 -31.37
N GLY B 14 20.37 -1.25 -30.06
CA GLY B 14 19.46 -0.38 -29.34
C GLY B 14 19.55 1.05 -29.82
N ASP B 15 20.77 1.54 -30.02
CA ASP B 15 20.97 2.94 -30.42
C ASP B 15 20.40 3.22 -31.80
N GLU B 16 20.45 2.24 -32.70
CA GLU B 16 19.89 2.46 -34.03
C GLU B 16 18.36 2.51 -33.99
N TRP B 17 17.74 1.68 -33.15
CA TRP B 17 16.28 1.66 -33.13
C TRP B 17 15.74 2.96 -32.55
N TRP B 18 16.33 3.42 -31.45
CA TRP B 18 15.81 4.57 -30.76
C TRP B 18 16.19 5.87 -31.44
N ALA B 19 17.18 5.87 -32.33
CA ALA B 19 17.40 7.06 -33.14
C ALA B 19 16.30 7.28 -34.18
N LYS B 20 15.47 6.28 -34.46
CA LYS B 20 14.26 6.50 -35.25
C LYS B 20 13.06 6.92 -34.40
N CYS B 21 13.20 6.98 -33.09
CA CYS B 21 12.04 7.27 -32.26
C CYS B 21 12.00 8.72 -31.82
N LYS B 22 10.81 9.15 -31.43
CA LYS B 22 10.51 10.49 -30.94
C LYS B 22 10.38 10.47 -29.43
N GLN B 23 10.32 11.66 -28.84
CA GLN B 23 9.88 11.88 -27.48
C GLN B 23 8.71 12.85 -27.51
N VAL B 24 7.81 12.69 -26.55
CA VAL B 24 6.76 13.68 -26.34
C VAL B 24 6.44 13.74 -24.85
N ASP B 25 6.20 14.94 -24.35
CA ASP B 25 5.84 15.13 -22.95
C ASP B 25 4.49 14.50 -22.68
N VAL B 26 4.38 13.79 -21.56
CA VAL B 26 3.15 13.15 -21.13
C VAL B 26 3.00 13.42 -19.64
N LEU B 27 1.99 14.20 -19.27
CA LEU B 27 1.81 14.64 -17.89
C LEU B 27 3.15 15.20 -17.41
N ASP B 28 3.65 14.79 -16.25
CA ASP B 28 4.90 15.23 -15.67
C ASP B 28 6.13 14.64 -16.35
N SER B 29 5.97 13.66 -17.23
CA SER B 29 7.10 12.87 -17.72
C SER B 29 7.24 13.00 -19.23
N GLU B 30 7.93 12.05 -19.85
CA GLU B 30 8.03 11.96 -21.30
C GLU B 30 7.96 10.50 -21.71
N MET B 31 7.41 10.27 -22.89
CA MET B 31 7.34 8.93 -23.45
C MET B 31 8.03 8.87 -24.80
N SER B 32 8.90 7.88 -24.96
CA SER B 32 9.49 7.53 -26.24
C SER B 32 8.50 6.74 -27.08
N TYR B 33 8.50 6.98 -28.38
CA TYR B 33 7.71 6.17 -29.31
C TYR B 33 8.29 6.23 -30.71
N TYR B 34 8.07 5.16 -31.45
CA TYR B 34 8.42 5.09 -32.88
C TYR B 34 7.21 5.62 -33.67
N ASP B 35 7.46 6.42 -34.68
CA ASP B 35 6.40 6.98 -35.53
C ASP B 35 6.88 6.95 -36.97
N SER B 36 6.19 6.15 -37.81
CA SER B 36 6.66 5.89 -39.17
C SER B 36 6.41 7.06 -40.10
N ASP B 37 5.41 7.89 -39.84
CA ASP B 37 5.34 9.20 -40.51
C ASP B 37 4.59 10.19 -39.64
N PRO B 38 5.33 11.02 -38.91
CA PRO B 38 4.72 12.04 -38.04
C PRO B 38 3.75 12.96 -38.77
N GLY B 39 2.54 13.06 -38.22
CA GLY B 39 1.57 14.04 -38.65
C GLY B 39 0.77 13.69 -39.88
N LYS B 40 1.04 12.56 -40.54
CA LYS B 40 0.33 12.22 -41.75
C LYS B 40 -1.00 11.57 -41.41
N HIS B 41 -2.09 12.20 -41.85
CA HIS B 41 -3.40 11.58 -41.79
C HIS B 41 -3.45 10.40 -42.75
N LYS B 42 -3.82 9.23 -42.23
CA LYS B 42 -3.57 7.98 -42.91
C LYS B 42 -4.22 6.87 -42.10
N ASN B 43 -4.28 5.68 -42.68
CA ASN B 43 -4.59 4.52 -41.87
C ASN B 43 -3.48 4.36 -40.84
N THR B 44 -3.85 4.21 -39.56
CA THR B 44 -2.88 4.33 -38.47
C THR B 44 -2.98 3.14 -37.53
N VAL B 45 -1.81 2.57 -37.20
CA VAL B 45 -1.74 1.38 -36.37
C VAL B 45 -0.82 1.65 -35.18
N ILE B 46 -1.27 1.27 -33.99
CA ILE B 46 -0.54 1.47 -32.73
C ILE B 46 -0.11 0.11 -32.19
N PHE B 47 1.18 -0.04 -31.92
CA PHE B 47 1.77 -1.27 -31.39
C PHE B 47 2.08 -1.11 -29.90
N LEU B 48 1.58 -2.03 -29.08
CA LEU B 48 1.69 -1.94 -27.62
C LEU B 48 2.43 -3.16 -27.09
N HIS B 49 3.67 -2.96 -26.65
CA HIS B 49 4.46 -4.03 -26.06
C HIS B 49 4.01 -4.32 -24.63
N GLY B 50 4.63 -5.32 -24.02
CA GLY B 50 4.35 -5.71 -22.65
C GLY B 50 5.61 -5.85 -21.82
N ASN B 51 5.54 -6.77 -20.81
CA ASN B 51 6.64 -6.93 -19.88
C ASN B 51 7.56 -8.06 -20.30
N PRO B 52 8.89 -7.90 -20.31
CA PRO B 52 9.66 -6.71 -19.91
C PRO B 52 10.27 -5.96 -21.11
N THR B 53 9.49 -5.68 -22.16
CA THR B 53 10.08 -5.27 -23.42
C THR B 53 9.84 -3.78 -23.67
N SER B 54 9.86 -3.39 -24.94
CA SER B 54 9.75 -2.00 -25.36
C SER B 54 9.23 -2.00 -26.79
N SER B 55 9.10 -0.79 -27.36
CA SER B 55 8.79 -0.69 -28.78
C SER B 55 9.80 -1.46 -29.64
N TYR B 56 11.02 -1.65 -29.12
CA TYR B 56 12.01 -2.49 -29.78
C TYR B 56 11.43 -3.85 -30.19
N LEU B 57 10.51 -4.38 -29.39
CA LEU B 57 9.92 -5.68 -29.70
C LEU B 57 9.29 -5.71 -31.07
N TRP B 58 8.76 -4.59 -31.54
CA TRP B 58 8.06 -4.54 -32.81
C TRP B 58 8.97 -4.18 -33.98
N ARG B 59 10.29 -4.18 -33.79
CA ARG B 59 11.15 -3.57 -34.81
C ARG B 59 11.16 -4.39 -36.11
N ASN B 60 11.02 -5.72 -36.04
CA ASN B 60 11.01 -6.50 -37.27
C ASN B 60 9.61 -6.81 -37.75
N VAL B 61 8.59 -6.39 -37.01
CA VAL B 61 7.20 -6.51 -37.45
C VAL B 61 6.74 -5.29 -38.23
N ILE B 62 7.08 -4.09 -37.73
CA ILE B 62 6.60 -2.85 -38.35
C ILE B 62 6.98 -2.70 -39.82
N PRO B 63 8.19 -3.09 -40.29
CA PRO B 63 8.47 -2.90 -41.71
C PRO B 63 7.46 -3.52 -42.64
N HIS B 64 6.73 -4.56 -42.21
CA HIS B 64 5.71 -5.20 -43.05
C HIS B 64 4.38 -4.47 -43.00
N VAL B 65 4.25 -3.48 -42.12
CA VAL B 65 2.99 -2.72 -41.97
C VAL B 65 3.20 -1.27 -42.37
N GLU B 66 4.40 -0.72 -42.17
CA GLU B 66 4.77 0.65 -42.55
C GLU B 66 4.26 0.96 -43.97
N PRO B 67 4.37 0.07 -44.99
CA PRO B 67 3.89 0.46 -46.33
C PRO B 67 2.40 0.67 -46.41
N LEU B 68 1.63 0.11 -45.48
CA LEU B 68 0.18 0.21 -45.52
C LEU B 68 -0.38 1.22 -44.52
N ALA B 69 0.36 1.52 -43.45
CA ALA B 69 -0.18 2.37 -42.41
C ALA B 69 0.94 3.15 -41.74
N ARG B 70 0.57 4.32 -41.24
CA ARG B 70 1.38 4.96 -40.22
C ARG B 70 1.40 4.07 -38.98
N CYS B 71 2.59 3.65 -38.58
CA CYS B 71 2.79 2.82 -37.40
C CYS B 71 3.39 3.61 -36.24
N LEU B 72 2.74 3.50 -35.08
CA LEU B 72 3.18 4.08 -33.83
C LEU B 72 3.44 2.96 -32.84
N ALA B 73 4.57 3.04 -32.12
CA ALA B 73 4.90 2.06 -31.09
C ALA B 73 5.49 2.75 -29.88
N PRO B 74 4.68 3.06 -28.86
CA PRO B 74 5.21 3.76 -27.68
C PRO B 74 5.97 2.83 -26.75
N ASP B 75 6.92 3.42 -26.02
CA ASP B 75 7.51 2.78 -24.86
C ASP B 75 6.64 3.12 -23.65
N LEU B 76 6.13 2.10 -22.95
CA LEU B 76 5.34 2.35 -21.74
C LEU B 76 6.16 3.17 -20.74
N ILE B 77 5.45 3.85 -19.84
CA ILE B 77 6.13 4.66 -18.83
C ILE B 77 7.06 3.76 -18.01
N GLY B 78 8.26 4.26 -17.73
CA GLY B 78 9.25 3.50 -16.98
C GLY B 78 9.95 2.42 -17.76
N MET B 79 9.66 2.26 -19.04
CA MET B 79 10.27 1.25 -19.88
C MET B 79 10.79 1.91 -21.14
N GLY B 80 11.67 1.20 -21.84
CA GLY B 80 12.19 1.75 -23.10
C GLY B 80 12.99 3.01 -22.81
N LYS B 81 12.75 4.05 -23.60
CA LYS B 81 13.33 5.36 -23.31
C LYS B 81 12.35 6.30 -22.62
N SER B 82 11.19 5.78 -22.22
CA SER B 82 10.24 6.64 -21.55
C SER B 82 10.74 7.00 -20.15
N GLY B 83 10.23 8.11 -19.63
CA GLY B 83 10.67 8.58 -18.32
C GLY B 83 10.46 7.53 -17.23
N LYS B 84 11.23 7.68 -16.15
CA LYS B 84 10.99 6.95 -14.92
C LYS B 84 10.15 7.81 -13.99
N LEU B 85 9.31 7.15 -13.17
CA LEU B 85 8.44 7.88 -12.24
C LEU B 85 9.08 7.89 -10.87
N PRO B 86 9.29 9.06 -10.26
CA PRO B 86 10.04 9.11 -8.98
C PRO B 86 9.42 8.30 -7.86
N ASN B 87 8.11 8.17 -7.82
CA ASN B 87 7.49 7.36 -6.76
C ASN B 87 7.49 5.86 -7.06
N HIS B 88 8.02 5.44 -8.22
CA HIS B 88 8.19 4.01 -8.54
C HIS B 88 6.87 3.24 -8.50
N SER B 89 5.77 3.89 -8.86
CA SER B 89 4.46 3.21 -8.87
C SER B 89 4.09 2.96 -10.31
N TYR B 90 4.22 1.73 -10.75
CA TYR B 90 3.94 1.34 -12.12
C TYR B 90 2.85 0.28 -12.20
N ARG B 91 1.79 0.46 -11.40
CA ARG B 91 0.61 -0.37 -11.51
C ARG B 91 -0.06 -0.14 -12.87
N PHE B 92 -0.88 -1.12 -13.28
CA PHE B 92 -1.72 -0.96 -14.47
C PHE B 92 -2.28 0.44 -14.58
N VAL B 93 -2.96 0.92 -13.53
CA VAL B 93 -3.68 2.18 -13.61
C VAL B 93 -2.73 3.36 -13.77
N ASP B 94 -1.51 3.27 -13.23
CA ASP B 94 -0.52 4.31 -13.54
C ASP B 94 -0.14 4.28 -15.01
N HIS B 95 0.08 3.07 -15.54
CA HIS B 95 0.42 2.90 -16.96
C HIS B 95 -0.68 3.42 -17.86
N TYR B 96 -1.94 3.14 -17.52
CA TYR B 96 -3.04 3.64 -18.33
C TYR B 96 -3.11 5.17 -18.28
N ARG B 97 -2.81 5.76 -17.12
N ARG B 97 -2.78 5.77 -17.14
CA ARG B 97 -2.76 7.21 -17.04
CA ARG B 97 -2.78 7.23 -17.05
C ARG B 97 -1.81 7.80 -18.07
C ARG B 97 -1.79 7.84 -18.03
N TYR B 98 -0.58 7.27 -18.12
CA TYR B 98 0.40 7.83 -19.04
C TYR B 98 0.10 7.46 -20.48
N LEU B 99 -0.34 6.23 -20.73
CA LEU B 99 -0.63 5.84 -22.11
C LEU B 99 -1.86 6.55 -22.65
N SER B 100 -2.92 6.73 -21.83
CA SER B 100 -4.08 7.48 -22.30
C SER B 100 -3.70 8.89 -22.73
N ALA B 101 -2.88 9.58 -21.94
CA ALA B 101 -2.44 10.91 -22.35
C ALA B 101 -1.61 10.84 -23.63
N TRP B 102 -0.69 9.89 -23.72
CA TRP B 102 0.12 9.78 -24.92
C TRP B 102 -0.76 9.61 -26.16
N PHE B 103 -1.83 8.83 -26.04
CA PHE B 103 -2.80 8.69 -27.12
C PHE B 103 -3.32 10.06 -27.57
N ASP B 104 -3.50 10.98 -26.61
CA ASP B 104 -4.01 12.31 -26.93
C ASP B 104 -2.94 13.24 -27.48
N SER B 105 -1.68 12.84 -27.45
CA SER B 105 -0.58 13.74 -27.83
C SER B 105 0.14 13.32 -29.11
N VAL B 106 -0.38 12.34 -29.87
CA VAL B 106 0.33 11.92 -31.06
C VAL B 106 -0.55 11.99 -32.31
N ASN B 107 -1.56 12.86 -32.29
CA ASN B 107 -2.22 13.27 -33.52
C ASN B 107 -2.92 12.09 -34.20
N LEU B 108 -3.71 11.38 -33.42
CA LEU B 108 -4.32 10.19 -33.97
C LEU B 108 -5.49 10.53 -34.87
N PRO B 109 -5.77 9.70 -35.88
CA PRO B 109 -7.03 9.82 -36.60
C PRO B 109 -8.17 9.29 -35.74
N GLU B 110 -9.39 9.51 -36.22
CA GLU B 110 -10.55 9.24 -35.37
C GLU B 110 -10.73 7.76 -35.07
N LYS B 111 -10.27 6.87 -35.94
CA LYS B 111 -10.31 5.45 -35.67
C LYS B 111 -8.95 4.85 -35.94
N VAL B 112 -8.54 3.91 -35.08
CA VAL B 112 -7.20 3.34 -35.10
C VAL B 112 -7.31 1.82 -34.95
N THR B 113 -6.25 1.15 -35.39
CA THR B 113 -6.09 -0.28 -35.18
C THR B 113 -5.03 -0.51 -34.11
N ILE B 114 -5.38 -1.28 -33.09
CA ILE B 114 -4.50 -1.61 -31.97
C ILE B 114 -3.88 -2.99 -32.20
N VAL B 115 -2.57 -3.07 -32.09
CA VAL B 115 -1.85 -4.33 -32.13
C VAL B 115 -1.11 -4.46 -30.81
N CYS B 116 -1.43 -5.49 -30.04
CA CYS B 116 -1.02 -5.51 -28.65
C CYS B 116 -0.67 -6.91 -28.19
N HIS B 117 0.10 -6.94 -27.10
CA HIS B 117 0.80 -8.13 -26.66
C HIS B 117 1.05 -7.99 -25.17
N ASP B 118 0.89 -9.08 -24.43
CA ASP B 118 1.17 -9.15 -22.99
C ASP B 118 0.46 -7.97 -22.32
N TRP B 119 1.13 -7.18 -21.47
CA TRP B 119 0.38 -6.14 -20.75
C TRP B 119 -0.01 -4.99 -21.65
N GLY B 120 0.70 -4.78 -22.75
CA GLY B 120 0.20 -3.92 -23.80
C GLY B 120 -1.22 -4.23 -24.22
N SER B 121 -1.62 -5.52 -24.20
CA SER B 121 -2.98 -5.87 -24.54
C SER B 121 -3.96 -5.55 -23.41
N GLY B 122 -3.56 -5.79 -22.16
CA GLY B 122 -4.36 -5.30 -21.04
C GLY B 122 -4.65 -3.82 -21.14
N LEU B 123 -3.61 -3.02 -21.39
CA LEU B 123 -3.79 -1.59 -21.62
C LEU B 123 -4.61 -1.32 -22.88
N GLY B 124 -4.31 -2.02 -23.98
CA GLY B 124 -5.01 -1.77 -25.23
C GLY B 124 -6.48 -2.12 -25.17
N PHE B 125 -6.79 -3.37 -24.76
CA PHE B 125 -8.17 -3.78 -24.51
C PHE B 125 -8.91 -2.76 -23.64
N HIS B 126 -8.30 -2.33 -22.54
CA HIS B 126 -8.96 -1.35 -21.69
C HIS B 126 -9.18 -0.04 -22.41
N TRP B 127 -8.19 0.40 -23.20
CA TRP B 127 -8.34 1.65 -23.95
C TRP B 127 -9.49 1.55 -24.93
N CYS B 128 -9.54 0.45 -25.70
CA CYS B 128 -10.60 0.28 -26.67
C CYS B 128 -11.96 0.19 -26.00
N ASN B 129 -12.01 -0.48 -24.84
CA ASN B 129 -13.26 -0.60 -24.07
C ASN B 129 -13.75 0.74 -23.59
N GLU B 130 -12.85 1.66 -23.25
CA GLU B 130 -13.22 3.02 -22.86
C GLU B 130 -13.33 3.98 -24.03
N HIS B 131 -12.91 3.58 -25.23
CA HIS B 131 -12.98 4.47 -26.39
C HIS B 131 -13.50 3.68 -27.60
N ARG B 132 -14.66 3.03 -27.44
CA ARG B 132 -15.17 2.13 -28.46
C ARG B 132 -15.44 2.84 -29.78
N ASP B 133 -15.74 4.16 -29.75
CA ASP B 133 -15.90 4.98 -30.94
C ASP B 133 -14.65 5.00 -31.84
N ARG B 134 -13.48 4.70 -31.29
CA ARG B 134 -12.22 4.99 -31.97
C ARG B 134 -11.50 3.73 -32.41
N VAL B 135 -12.19 2.60 -32.41
CA VAL B 135 -11.60 1.29 -32.59
C VAL B 135 -11.91 0.81 -34.00
N LYS B 136 -10.88 0.73 -34.84
CA LYS B 136 -11.01 0.16 -36.17
C LYS B 136 -10.88 -1.36 -36.15
N GLY B 137 -9.86 -1.87 -35.48
CA GLY B 137 -9.68 -3.30 -35.29
C GLY B 137 -8.72 -3.54 -34.16
N ILE B 138 -8.56 -4.81 -33.78
CA ILE B 138 -7.66 -5.20 -32.69
C ILE B 138 -6.95 -6.47 -33.09
N VAL B 139 -5.62 -6.44 -33.08
CA VAL B 139 -4.79 -7.64 -33.22
C VAL B 139 -4.14 -7.91 -31.88
N HIS B 140 -4.36 -9.09 -31.31
CA HIS B 140 -3.81 -9.40 -30.00
C HIS B 140 -3.11 -10.74 -30.04
N MET B 141 -2.01 -10.84 -29.30
CA MET B 141 -1.22 -12.05 -29.21
C MET B 141 -0.71 -12.18 -27.78
N GLU B 142 -0.66 -13.40 -27.26
CA GLU B 142 -0.24 -13.66 -25.87
C GLU B 142 -0.79 -12.59 -24.93
N SER B 143 -2.11 -12.43 -24.97
CA SER B 143 -2.79 -11.28 -24.43
C SER B 143 -3.53 -11.59 -23.13
N VAL B 144 -3.95 -10.52 -22.46
CA VAL B 144 -4.67 -10.62 -21.17
C VAL B 144 -6.15 -10.58 -21.53
N VAL B 145 -6.68 -11.73 -21.96
CA VAL B 145 -8.07 -11.75 -22.45
C VAL B 145 -9.11 -11.97 -21.35
N ASP B 146 -8.71 -12.44 -20.16
CA ASP B 146 -9.71 -12.78 -19.14
C ASP B 146 -9.02 -12.90 -17.78
N VAL B 147 -9.84 -12.99 -16.73
CA VAL B 147 -9.34 -13.25 -15.37
C VAL B 147 -9.05 -14.73 -15.21
N ILE B 148 -8.01 -15.05 -14.45
CA ILE B 148 -7.65 -16.44 -14.21
C ILE B 148 -8.54 -16.96 -13.09
N GLU B 149 -9.59 -17.70 -13.44
CA GLU B 149 -10.53 -18.18 -12.44
C GLU B 149 -10.11 -19.50 -11.80
N SER B 150 -9.58 -20.43 -12.59
CA SER B 150 -9.03 -21.66 -12.06
C SER B 150 -7.76 -22.00 -12.82
N TRP B 151 -6.79 -22.57 -12.09
CA TRP B 151 -5.39 -22.50 -12.50
C TRP B 151 -5.00 -23.46 -13.62
N ASP B 152 -5.81 -24.48 -13.92
CA ASP B 152 -5.43 -25.39 -15.01
C ASP B 152 -6.30 -25.21 -16.24
N GLU B 153 -6.96 -24.06 -16.38
CA GLU B 153 -7.33 -23.54 -17.69
C GLU B 153 -6.25 -22.61 -18.25
N TRP B 154 -5.13 -22.48 -17.54
CA TRP B 154 -4.10 -21.48 -17.79
C TRP B 154 -2.74 -22.14 -17.63
N PRO B 155 -1.69 -21.54 -18.19
CA PRO B 155 -0.34 -22.04 -17.89
C PRO B 155 -0.11 -22.03 -16.39
N ASP B 156 0.46 -23.12 -15.89
CA ASP B 156 0.60 -23.33 -14.45
C ASP B 156 1.76 -22.49 -13.91
N ILE B 157 1.44 -21.25 -13.53
CA ILE B 157 2.43 -20.34 -12.97
C ILE B 157 2.10 -19.94 -11.52
N GLU B 158 1.11 -20.59 -10.91
CA GLU B 158 0.65 -20.18 -9.58
C GLU B 158 1.81 -20.05 -8.61
N GLU B 159 2.68 -21.05 -8.54
CA GLU B 159 3.85 -20.94 -7.66
C GLU B 159 4.84 -19.88 -8.14
N ASP B 160 4.90 -19.65 -9.45
CA ASP B 160 5.79 -18.61 -9.96
C ASP B 160 5.30 -17.23 -9.53
N ILE B 161 3.99 -16.98 -9.66
CA ILE B 161 3.42 -15.71 -9.22
C ILE B 161 3.57 -15.54 -7.72
N ALA B 162 3.35 -16.62 -6.96
CA ALA B 162 3.52 -16.55 -5.51
C ALA B 162 4.95 -16.14 -5.15
N LEU B 163 5.95 -16.69 -5.85
CA LEU B 163 7.32 -16.30 -5.58
C LEU B 163 7.61 -14.85 -6.02
N ILE B 164 6.99 -14.41 -7.11
CA ILE B 164 7.25 -13.04 -7.59
C ILE B 164 6.64 -12.04 -6.62
N LYS B 165 5.54 -12.39 -5.96
CA LYS B 165 4.94 -11.49 -4.99
C LYS B 165 5.76 -11.44 -3.71
N SER B 166 6.49 -12.51 -3.40
CA SER B 166 7.28 -12.54 -2.18
C SER B 166 8.47 -11.58 -2.27
N GLU B 167 9.07 -11.31 -1.10
CA GLU B 167 10.25 -10.45 -1.05
C GLU B 167 11.41 -11.04 -1.84
N ALA B 168 11.46 -12.37 -1.98
CA ALA B 168 12.44 -12.96 -2.87
C ALA B 168 12.20 -12.51 -4.30
N GLY B 169 10.93 -12.42 -4.73
CA GLY B 169 10.63 -11.92 -6.05
C GLY B 169 11.16 -10.51 -6.27
N GLU B 170 11.09 -9.69 -5.24
CA GLU B 170 11.67 -8.36 -5.34
C GLU B 170 13.19 -8.44 -5.52
N GLU B 171 13.83 -9.43 -4.89
CA GLU B 171 15.28 -9.55 -4.99
C GLU B 171 15.72 -10.10 -6.34
N MET B 172 15.02 -11.11 -6.86
CA MET B 172 15.36 -11.65 -8.18
C MET B 172 15.30 -10.57 -9.26
N VAL B 173 14.33 -9.67 -9.15
CA VAL B 173 14.10 -8.69 -10.20
C VAL B 173 15.00 -7.45 -10.02
N LEU B 174 14.80 -6.71 -8.92
CA LEU B 174 15.46 -5.41 -8.79
C LEU B 174 16.97 -5.54 -8.80
N LYS B 175 17.48 -6.65 -8.28
CA LYS B 175 18.91 -6.82 -8.12
C LYS B 175 19.54 -7.73 -9.15
N LYS B 176 18.76 -8.63 -9.75
CA LYS B 176 19.32 -9.59 -10.69
C LYS B 176 18.54 -9.62 -12.01
N ASN B 177 17.58 -8.72 -12.20
CA ASN B 177 16.95 -8.50 -13.51
C ASN B 177 16.43 -9.81 -14.09
N PHE B 178 15.81 -10.60 -13.20
CA PHE B 178 15.34 -11.93 -13.55
C PHE B 178 14.54 -11.92 -14.84
N PHE B 179 13.75 -10.88 -15.07
CA PHE B 179 12.82 -10.93 -16.20
C PHE B 179 13.56 -10.74 -17.52
N ILE B 180 14.57 -9.86 -17.53
CA ILE B 180 15.36 -9.63 -18.72
C ILE B 180 16.32 -10.80 -18.97
N GLU B 181 17.00 -11.28 -17.93
CA GLU B 181 18.15 -12.16 -18.12
C GLU B 181 17.81 -13.64 -18.16
N ARG B 182 16.69 -14.03 -17.55
CA ARG B 182 16.26 -15.42 -17.55
C ARG B 182 14.95 -15.60 -18.29
N LEU B 183 13.89 -14.92 -17.85
CA LEU B 183 12.56 -15.16 -18.39
C LEU B 183 12.48 -14.76 -19.87
N LEU B 184 12.98 -13.58 -20.22
CA LEU B 184 12.86 -13.12 -21.60
C LEU B 184 13.53 -14.06 -22.60
N PRO B 185 14.81 -14.44 -22.46
CA PRO B 185 15.39 -15.36 -23.46
C PRO B 185 14.84 -16.77 -23.39
N SER B 186 14.36 -17.21 -22.23
CA SER B 186 13.79 -18.55 -22.12
C SER B 186 12.50 -18.69 -22.91
N SER B 187 11.85 -17.59 -23.27
CA SER B 187 10.60 -17.71 -24.00
C SER B 187 10.73 -17.20 -25.43
N ILE B 188 11.95 -17.28 -25.98
CA ILE B 188 12.24 -17.10 -27.39
C ILE B 188 12.94 -18.37 -27.88
N MET B 189 12.43 -18.95 -28.96
CA MET B 189 13.05 -20.17 -29.50
C MET B 189 14.49 -19.90 -29.96
N ARG B 190 14.65 -18.98 -30.91
CA ARG B 190 15.98 -18.64 -31.38
C ARG B 190 16.79 -17.97 -30.27
N LYS B 191 18.09 -17.80 -30.52
CA LYS B 191 19.00 -17.15 -29.58
C LYS B 191 19.16 -15.70 -29.98
N LEU B 192 18.97 -14.79 -29.02
CA LEU B 192 19.15 -13.38 -29.31
C LEU B 192 20.62 -13.07 -29.34
N SER B 193 21.01 -12.21 -30.29
CA SER B 193 22.36 -11.66 -30.29
C SER B 193 22.58 -10.81 -29.04
N GLU B 194 23.84 -10.64 -28.68
CA GLU B 194 24.16 -9.77 -27.56
C GLU B 194 23.69 -8.35 -27.82
N GLU B 195 23.65 -7.93 -29.09
CA GLU B 195 23.14 -6.58 -29.38
C GLU B 195 21.65 -6.51 -29.09
N GLU B 196 20.90 -7.54 -29.53
CA GLU B 196 19.47 -7.56 -29.23
C GLU B 196 19.23 -7.62 -27.73
N MET B 197 19.99 -8.45 -27.03
CA MET B 197 19.83 -8.54 -25.58
C MET B 197 20.21 -7.23 -24.91
N ASP B 198 21.26 -6.55 -25.40
CA ASP B 198 21.62 -5.25 -24.85
C ASP B 198 20.46 -4.25 -24.99
N ALA B 199 19.78 -4.27 -26.14
CA ALA B 199 18.63 -3.40 -26.36
C ALA B 199 17.55 -3.62 -25.30
N TYR B 200 17.28 -4.88 -24.95
CA TYR B 200 16.29 -5.17 -23.92
C TYR B 200 16.83 -4.85 -22.53
N ARG B 201 18.16 -4.93 -22.34
CA ARG B 201 18.76 -4.58 -21.06
C ARG B 201 18.81 -3.07 -20.82
N GLU B 202 18.99 -2.29 -21.89
CA GLU B 202 19.33 -0.87 -21.79
C GLU B 202 18.46 -0.10 -20.79
N PRO B 203 17.12 -0.19 -20.81
CA PRO B 203 16.33 0.55 -19.82
C PRO B 203 16.51 0.08 -18.39
N PHE B 204 17.24 -1.02 -18.13
CA PHE B 204 17.24 -1.62 -16.81
C PHE B 204 18.63 -1.98 -16.33
N VAL B 205 19.67 -1.42 -16.97
CA VAL B 205 21.05 -1.71 -16.60
C VAL B 205 21.33 -1.32 -15.16
N GLU B 206 20.77 -0.21 -14.72
CA GLU B 206 20.97 0.25 -13.35
C GLU B 206 20.20 -0.65 -12.38
N PRO B 207 20.86 -1.27 -11.41
CA PRO B 207 20.14 -2.11 -10.45
C PRO B 207 19.24 -1.27 -9.57
N GLY B 208 18.22 -1.93 -9.01
CA GLY B 208 17.32 -1.25 -8.11
C GLY B 208 16.02 -0.88 -8.77
N GLU B 209 15.51 0.30 -8.41
CA GLU B 209 14.14 0.71 -8.69
C GLU B 209 13.87 0.96 -10.16
N SER B 210 14.91 1.09 -10.98
CA SER B 210 14.67 1.25 -12.39
C SER B 210 14.00 0.02 -12.98
N ARG B 211 14.18 -1.13 -12.34
CA ARG B 211 13.57 -2.36 -12.81
C ARG B 211 12.17 -2.59 -12.25
N ARG B 212 11.67 -1.68 -11.42
CA ARG B 212 10.36 -1.89 -10.79
C ARG B 212 9.25 -2.26 -11.77
N PRO B 213 9.10 -1.63 -12.95
CA PRO B 213 8.00 -2.05 -13.83
C PRO B 213 8.03 -3.54 -14.14
N THR B 214 9.22 -4.12 -14.30
CA THR B 214 9.31 -5.55 -14.61
C THR B 214 8.92 -6.45 -13.44
N LEU B 215 8.84 -5.91 -12.22
CA LEU B 215 8.34 -6.66 -11.09
C LEU B 215 6.89 -6.34 -10.77
N THR B 216 6.48 -5.08 -10.95
CA THR B 216 5.09 -4.72 -10.66
C THR B 216 4.13 -5.38 -11.64
N TRP B 217 4.50 -5.45 -12.93
CA TRP B 217 3.62 -6.06 -13.93
C TRP B 217 3.16 -7.46 -13.55
N PRO B 218 4.05 -8.41 -13.21
CA PRO B 218 3.54 -9.74 -12.86
C PRO B 218 2.72 -9.72 -11.59
N ARG B 219 3.00 -8.81 -10.66
CA ARG B 219 2.14 -8.78 -9.47
C ARG B 219 0.75 -8.24 -9.77
N GLU B 220 0.49 -7.72 -10.97
CA GLU B 220 -0.85 -7.25 -11.34
C GLU B 220 -1.72 -8.34 -11.97
N ILE B 221 -1.20 -9.54 -12.19
CA ILE B 221 -1.94 -10.53 -12.97
C ILE B 221 -3.30 -10.78 -12.33
N PRO B 222 -4.39 -10.75 -13.10
CA PRO B 222 -5.71 -10.82 -12.47
C PRO B 222 -6.11 -12.26 -12.16
N ILE B 223 -5.73 -12.73 -10.97
CA ILE B 223 -6.16 -14.03 -10.45
C ILE B 223 -7.35 -13.79 -9.54
N LYS B 224 -8.44 -14.52 -9.78
CA LYS B 224 -9.60 -14.40 -8.91
C LYS B 224 -9.25 -14.88 -7.50
N GLY B 225 -9.48 -14.00 -6.52
CA GLY B 225 -9.14 -14.27 -5.13
C GLY B 225 -7.66 -14.18 -4.81
N ASP B 226 -6.84 -13.72 -5.76
CA ASP B 226 -5.41 -13.53 -5.51
C ASP B 226 -4.81 -12.45 -6.40
N GLY B 227 -5.60 -11.70 -7.17
CA GLY B 227 -5.12 -10.59 -7.94
C GLY B 227 -5.72 -9.29 -7.43
N PRO B 228 -5.18 -8.15 -7.86
CA PRO B 228 -5.69 -6.86 -7.37
C PRO B 228 -7.08 -6.56 -7.91
N GLU B 229 -7.90 -5.96 -7.07
CA GLU B 229 -9.32 -5.80 -7.37
C GLU B 229 -9.54 -4.86 -8.54
N ASP B 230 -8.73 -3.82 -8.66
CA ASP B 230 -8.95 -2.85 -9.72
C ASP B 230 -8.62 -3.47 -11.08
N VAL B 231 -7.58 -4.30 -11.15
CA VAL B 231 -7.25 -4.95 -12.42
C VAL B 231 -8.32 -5.97 -12.78
N ILE B 232 -8.76 -6.76 -11.80
CA ILE B 232 -9.78 -7.78 -12.06
C ILE B 232 -11.05 -7.13 -12.59
N GLU B 233 -11.47 -6.01 -12.00
CA GLU B 233 -12.68 -5.37 -12.52
C GLU B 233 -12.45 -4.83 -13.93
N ILE B 234 -11.25 -4.32 -14.21
CA ILE B 234 -10.98 -3.79 -15.54
C ILE B 234 -10.97 -4.91 -16.58
N VAL B 235 -10.30 -6.02 -16.27
CA VAL B 235 -10.23 -7.11 -17.24
C VAL B 235 -11.60 -7.74 -17.45
N LYS B 236 -12.35 -7.94 -16.35
CA LYS B 236 -13.67 -8.54 -16.48
C LYS B 236 -14.58 -7.70 -17.37
N SER B 237 -14.47 -6.38 -17.26
CA SER B 237 -15.37 -5.52 -18.02
C SER B 237 -15.00 -5.48 -19.50
N TYR B 238 -13.71 -5.49 -19.84
CA TYR B 238 -13.40 -5.48 -21.26
C TYR B 238 -13.52 -6.88 -21.85
N ASN B 239 -13.33 -7.92 -21.04
CA ASN B 239 -13.65 -9.26 -21.51
C ASN B 239 -15.12 -9.36 -21.90
N LYS B 240 -16.00 -8.87 -21.04
CA LYS B 240 -17.44 -8.90 -21.32
C LYS B 240 -17.76 -8.21 -22.63
N TRP B 241 -17.27 -6.98 -22.80
CA TRP B 241 -17.51 -6.25 -24.04
C TRP B 241 -16.94 -6.99 -25.24
N LEU B 242 -15.73 -7.54 -25.10
CA LEU B 242 -15.08 -8.19 -26.24
C LEU B 242 -15.74 -9.52 -26.59
N SER B 243 -16.36 -10.18 -25.60
CA SER B 243 -16.96 -11.48 -25.84
C SER B 243 -18.25 -11.37 -26.66
N THR B 244 -18.90 -10.21 -26.66
CA THR B 244 -20.11 -10.00 -27.45
C THR B 244 -19.91 -8.92 -28.50
N SER B 245 -18.65 -8.68 -28.90
CA SER B 245 -18.33 -7.59 -29.83
C SER B 245 -18.37 -8.14 -31.25
N LYS B 246 -19.59 -8.35 -31.75
CA LYS B 246 -19.77 -8.76 -33.14
C LYS B 246 -19.24 -7.71 -34.12
N ASP B 247 -19.19 -6.46 -33.68
CA ASP B 247 -18.93 -5.32 -34.55
C ASP B 247 -17.45 -5.00 -34.72
N ILE B 248 -16.58 -5.56 -33.89
CA ILE B 248 -15.17 -5.14 -33.83
C ILE B 248 -14.34 -6.20 -34.54
N PRO B 249 -13.77 -5.92 -35.71
CA PRO B 249 -12.86 -6.88 -36.33
C PRO B 249 -11.69 -7.18 -35.41
N LYS B 250 -11.36 -8.47 -35.29
CA LYS B 250 -10.33 -8.91 -34.38
C LYS B 250 -9.46 -9.95 -35.06
N LEU B 251 -8.16 -9.88 -34.81
CA LEU B 251 -7.20 -10.88 -35.27
C LEU B 251 -6.45 -11.38 -34.05
N PHE B 252 -6.67 -12.64 -33.71
CA PHE B 252 -5.91 -13.30 -32.67
C PHE B 252 -4.75 -14.01 -33.35
N ILE B 253 -3.53 -13.57 -33.07
CA ILE B 253 -2.35 -14.28 -33.58
C ILE B 253 -1.94 -15.25 -32.49
N ASN B 254 -2.20 -16.53 -32.73
CA ASN B 254 -1.88 -17.58 -31.79
C ASN B 254 -0.44 -18.02 -31.99
N ALA B 255 0.22 -18.39 -30.92
CA ALA B 255 1.61 -18.81 -31.06
C ALA B 255 1.70 -20.29 -30.74
N ASP B 256 2.36 -21.04 -31.62
CA ASP B 256 2.55 -22.46 -31.38
C ASP B 256 4.02 -22.73 -31.07
N PRO B 257 4.34 -23.30 -29.90
CA PRO B 257 3.36 -23.69 -28.87
C PRO B 257 2.89 -22.53 -28.00
N GLY B 258 3.65 -21.44 -27.97
CA GLY B 258 3.25 -20.29 -27.20
C GLY B 258 3.30 -20.54 -25.69
N PHE B 259 2.65 -19.64 -24.96
CA PHE B 259 2.56 -19.69 -23.50
C PHE B 259 1.10 -19.58 -23.08
N PHE B 260 0.59 -18.36 -23.01
CA PHE B 260 -0.84 -18.16 -22.78
C PHE B 260 -1.69 -18.53 -23.98
N SER B 261 -1.06 -18.85 -25.13
CA SER B 261 -1.80 -19.01 -26.38
C SER B 261 -2.87 -20.10 -26.26
N ASN B 262 -2.52 -21.23 -25.66
CA ASN B 262 -3.49 -22.33 -25.54
C ASN B 262 -4.69 -21.91 -24.69
N ALA B 263 -4.45 -21.23 -23.57
CA ALA B 263 -5.59 -20.72 -22.79
C ALA B 263 -6.40 -19.70 -23.60
N ILE B 264 -5.74 -18.85 -24.39
CA ILE B 264 -6.49 -17.80 -25.07
C ILE B 264 -7.38 -18.39 -26.15
N LYS B 265 -6.86 -19.34 -26.94
CA LYS B 265 -7.69 -19.99 -27.94
C LYS B 265 -8.96 -20.54 -27.30
N LYS B 266 -8.81 -21.33 -26.24
CA LYS B 266 -9.98 -21.83 -25.52
C LYS B 266 -10.85 -20.68 -25.01
N VAL B 267 -10.25 -19.70 -24.31
CA VAL B 267 -11.04 -18.65 -23.64
C VAL B 267 -11.85 -17.84 -24.65
N THR B 268 -11.32 -17.65 -25.86
CA THR B 268 -11.98 -16.81 -26.85
C THR B 268 -12.65 -17.61 -27.96
N LYS B 269 -12.92 -18.90 -27.72
CA LYS B 269 -13.46 -19.78 -28.75
C LYS B 269 -14.67 -19.17 -29.46
N ASN B 270 -15.65 -18.72 -28.67
CA ASN B 270 -16.89 -18.15 -29.22
C ASN B 270 -16.83 -16.63 -29.37
N TRP B 271 -15.65 -16.03 -29.34
CA TRP B 271 -15.59 -14.60 -29.60
C TRP B 271 -16.02 -14.34 -31.05
N PRO B 272 -16.98 -13.44 -31.27
CA PRO B 272 -17.43 -13.16 -32.63
C PRO B 272 -16.47 -12.25 -33.40
N ASN B 273 -16.30 -12.55 -34.69
CA ASN B 273 -15.50 -11.73 -35.60
C ASN B 273 -14.05 -11.72 -35.18
N GLN B 274 -13.52 -12.89 -34.87
CA GLN B 274 -12.11 -13.02 -34.55
C GLN B 274 -11.52 -14.01 -35.54
N LYS B 275 -10.70 -13.52 -36.46
CA LYS B 275 -9.88 -14.40 -37.24
C LYS B 275 -8.75 -14.94 -36.39
N THR B 276 -8.24 -16.09 -36.78
CA THR B 276 -7.06 -16.65 -36.17
C THR B 276 -6.07 -16.96 -37.27
N VAL B 277 -4.84 -16.47 -37.09
CA VAL B 277 -3.66 -16.91 -37.82
C VAL B 277 -2.69 -17.32 -36.74
N THR B 278 -1.84 -18.34 -36.96
CA THR B 278 -0.88 -18.85 -35.94
C THR B 278 0.54 -18.93 -36.49
N VAL B 279 1.56 -18.71 -35.66
CA VAL B 279 2.97 -18.70 -36.08
C VAL B 279 3.78 -19.41 -35.00
N LYS B 280 5.03 -19.68 -35.34
CA LYS B 280 5.97 -20.35 -34.45
C LYS B 280 6.51 -19.34 -33.44
N GLY B 281 6.11 -19.51 -32.18
CA GLY B 281 6.60 -18.66 -31.13
C GLY B 281 6.32 -19.28 -29.78
N LEU B 282 7.15 -18.92 -28.80
CA LEU B 282 6.78 -19.10 -27.41
C LEU B 282 5.99 -17.86 -26.98
N HIS B 283 6.37 -17.20 -25.89
CA HIS B 283 5.64 -16.00 -25.52
C HIS B 283 6.07 -14.78 -26.37
N PHE B 284 7.37 -14.55 -26.50
CA PHE B 284 7.85 -13.39 -27.25
C PHE B 284 7.94 -13.73 -28.74
N LEU B 285 6.75 -13.96 -29.32
CA LEU B 285 6.68 -14.54 -30.66
C LEU B 285 7.18 -13.58 -31.74
N GLN B 286 7.20 -12.27 -31.46
CA GLN B 286 7.70 -11.31 -32.44
C GLN B 286 9.15 -11.56 -32.78
N GLU B 287 9.88 -12.22 -31.88
CA GLU B 287 11.30 -12.49 -32.09
C GLU B 287 11.56 -13.75 -32.89
N ASP B 288 10.57 -14.63 -33.04
CA ASP B 288 10.76 -15.87 -33.78
C ASP B 288 10.10 -15.87 -35.15
N SER B 289 8.91 -15.26 -35.26
CA SER B 289 8.21 -15.19 -36.55
C SER B 289 7.75 -13.75 -36.88
N PRO B 290 8.66 -12.76 -36.82
CA PRO B 290 8.24 -11.37 -37.10
C PRO B 290 7.60 -11.15 -38.46
N GLU B 291 8.15 -11.77 -39.51
CA GLU B 291 7.63 -11.56 -40.86
C GLU B 291 6.20 -12.05 -40.97
N GLU B 292 5.94 -13.26 -40.45
CA GLU B 292 4.58 -13.81 -40.50
C GLU B 292 3.63 -13.00 -39.66
N ILE B 293 4.06 -12.52 -38.50
CA ILE B 293 3.23 -11.59 -37.74
C ILE B 293 2.94 -10.34 -38.58
N GLY B 294 3.99 -9.70 -39.11
CA GLY B 294 3.78 -8.51 -39.93
C GLY B 294 2.86 -8.77 -41.11
N GLU B 295 3.14 -9.84 -41.86
CA GLU B 295 2.30 -10.19 -43.00
C GLU B 295 0.85 -10.37 -42.58
N ALA B 296 0.63 -11.05 -41.44
CA ALA B 296 -0.75 -11.27 -40.97
C ALA B 296 -1.42 -9.95 -40.63
N ILE B 297 -0.70 -9.04 -39.97
CA ILE B 297 -1.29 -7.75 -39.66
C ILE B 297 -1.57 -6.99 -40.95
N ALA B 298 -0.61 -7.00 -41.88
CA ALA B 298 -0.81 -6.39 -43.20
C ALA B 298 -2.08 -6.91 -43.89
N ASP B 299 -2.27 -8.23 -43.92
CA ASP B 299 -3.47 -8.78 -44.54
C ASP B 299 -4.72 -8.37 -43.78
N PHE B 300 -4.67 -8.40 -42.45
CA PHE B 300 -5.80 -7.97 -41.64
C PHE B 300 -6.18 -6.54 -41.93
N LEU B 301 -5.21 -5.68 -42.20
CA LEU B 301 -5.55 -4.31 -42.57
C LEU B 301 -6.13 -4.28 -43.97
N ASN B 302 -5.51 -4.99 -44.91
CA ASN B 302 -5.98 -5.01 -46.29
C ASN B 302 -7.43 -5.53 -46.36
N GLU B 303 -7.74 -6.58 -45.60
CA GLU B 303 -9.14 -7.07 -45.57
C GLU B 303 -10.06 -6.13 -44.84
N LEU B 304 -9.64 -4.89 -44.55
CA LEU B 304 -10.35 -4.07 -43.59
C LEU B 304 -10.60 -2.66 -44.11
N THR C 13 -21.66 -19.17 28.31
CA THR C 13 -21.23 -20.18 29.29
C THR C 13 -20.32 -21.20 28.65
N GLY C 14 -19.68 -22.02 29.48
CA GLY C 14 -18.73 -23.00 29.01
C GLY C 14 -19.35 -24.04 28.10
N ASP C 15 -20.34 -24.76 28.62
CA ASP C 15 -20.97 -25.82 27.84
C ASP C 15 -21.63 -25.29 26.58
N GLU C 16 -22.21 -24.09 26.63
CA GLU C 16 -22.83 -23.61 25.40
C GLU C 16 -21.78 -23.25 24.35
N TRP C 17 -20.58 -22.87 24.77
CA TRP C 17 -19.54 -22.62 23.78
C TRP C 17 -19.06 -23.93 23.15
N TRP C 18 -18.76 -24.93 23.97
CA TRP C 18 -18.19 -26.16 23.47
C TRP C 18 -19.22 -27.04 22.75
N ALA C 19 -20.51 -26.85 23.04
CA ALA C 19 -21.55 -27.44 22.20
C ALA C 19 -21.40 -27.02 20.74
N LYS C 20 -20.92 -25.81 20.48
CA LYS C 20 -20.67 -25.39 19.11
C LYS C 20 -19.43 -26.05 18.50
N CYS C 21 -18.61 -26.70 19.31
CA CYS C 21 -17.28 -27.12 18.88
C CYS C 21 -17.23 -28.59 18.51
N LYS C 22 -16.30 -28.92 17.64
CA LYS C 22 -16.07 -30.27 17.16
C LYS C 22 -14.81 -30.85 17.79
N GLN C 23 -14.71 -32.18 17.70
CA GLN C 23 -13.50 -32.89 18.07
C GLN C 23 -12.93 -33.58 16.83
N VAL C 24 -11.61 -33.60 16.72
CA VAL C 24 -10.92 -34.29 15.64
C VAL C 24 -9.75 -35.03 16.26
N ASP C 25 -9.42 -36.18 15.69
CA ASP C 25 -8.30 -36.95 16.21
C ASP C 25 -7.00 -36.42 15.64
N VAL C 26 -5.96 -36.39 16.47
CA VAL C 26 -4.68 -35.79 16.13
C VAL C 26 -3.59 -36.63 16.75
N LEU C 27 -2.76 -37.25 15.90
CA LEU C 27 -1.66 -38.12 16.37
C LEU C 27 -2.27 -39.13 17.35
N ASP C 28 -1.72 -39.27 18.56
CA ASP C 28 -2.23 -40.16 19.58
C ASP C 28 -3.32 -39.50 20.43
N SER C 29 -3.88 -38.37 20.03
CA SER C 29 -4.79 -37.65 20.92
C SER C 29 -5.92 -37.05 20.08
N GLU C 30 -6.61 -36.07 20.66
CA GLU C 30 -7.70 -35.39 19.97
C GLU C 30 -7.70 -33.93 20.38
N MET C 31 -8.37 -33.11 19.59
CA MET C 31 -8.33 -31.68 19.81
C MET C 31 -9.69 -31.07 19.54
N SER C 32 -10.12 -30.22 20.45
CA SER C 32 -11.40 -29.55 20.31
C SER C 32 -11.21 -28.28 19.50
N TYR C 33 -12.18 -27.97 18.65
CA TYR C 33 -12.06 -26.78 17.82
C TYR C 33 -13.44 -26.31 17.40
N TYR C 34 -13.62 -24.99 17.44
CA TYR C 34 -14.80 -24.35 16.90
C TYR C 34 -14.66 -24.23 15.38
N ASP C 35 -15.79 -24.36 14.67
CA ASP C 35 -15.81 -24.25 13.21
C ASP C 35 -17.17 -23.70 12.81
N SER C 36 -17.18 -22.48 12.24
CA SER C 36 -18.45 -21.81 11.94
C SER C 36 -19.25 -22.66 10.97
N ASP C 37 -18.78 -22.78 9.74
CA ASP C 37 -19.34 -23.72 8.78
C ASP C 37 -18.20 -24.55 8.18
N PRO C 38 -18.08 -25.82 8.56
CA PRO C 38 -16.96 -26.63 8.07
C PRO C 38 -17.06 -26.93 6.57
N GLY C 39 -15.89 -27.17 5.97
CA GLY C 39 -15.77 -27.65 4.61
C GLY C 39 -15.91 -26.62 3.51
N LYS C 40 -16.07 -25.36 3.92
CA LYS C 40 -16.45 -24.26 3.00
C LYS C 40 -15.32 -23.41 2.42
N HIS C 41 -14.70 -23.88 1.33
CA HIS C 41 -13.83 -23.01 0.54
C HIS C 41 -14.49 -21.62 0.38
N LYS C 42 -14.09 -20.64 1.20
CA LYS C 42 -14.93 -19.46 1.39
C LYS C 42 -14.14 -18.24 1.87
N ASN C 43 -12.81 -18.35 1.96
CA ASN C 43 -11.95 -17.42 2.69
C ASN C 43 -12.08 -17.69 4.19
N THR C 44 -10.96 -17.95 4.87
CA THR C 44 -10.98 -18.78 6.06
C THR C 44 -9.95 -18.26 7.07
N VAL C 45 -10.37 -18.18 8.34
CA VAL C 45 -9.62 -17.56 9.43
C VAL C 45 -9.45 -18.57 10.57
N ILE C 46 -8.26 -18.57 11.18
CA ILE C 46 -7.93 -19.49 12.28
C ILE C 46 -7.46 -18.69 13.50
N PHE C 47 -8.16 -18.84 14.63
CA PHE C 47 -7.87 -18.11 15.85
C PHE C 47 -7.10 -18.99 16.81
N LEU C 48 -5.97 -18.49 17.33
CA LEU C 48 -5.10 -19.28 18.19
C LEU C 48 -4.88 -18.54 19.50
N HIS C 49 -5.31 -19.16 20.62
CA HIS C 49 -5.22 -18.65 21.97
C HIS C 49 -3.88 -19.03 22.59
N GLY C 50 -3.57 -18.41 23.74
CA GLY C 50 -2.37 -18.73 24.50
C GLY C 50 -2.64 -19.21 25.91
N ASN C 51 -1.69 -18.91 26.82
CA ASN C 51 -1.68 -19.38 28.21
C ASN C 51 -2.36 -18.34 29.12
N PRO C 52 -3.30 -18.75 29.99
CA PRO C 52 -3.84 -20.10 30.15
C PRO C 52 -5.27 -20.23 29.65
N THR C 53 -5.52 -19.83 28.41
CA THR C 53 -6.90 -19.78 27.93
C THR C 53 -7.24 -20.97 27.04
N SER C 54 -8.19 -20.78 26.11
CA SER C 54 -8.76 -21.81 25.25
C SER C 54 -9.49 -21.09 24.13
N SER C 55 -10.14 -21.85 23.24
CA SER C 55 -10.88 -21.21 22.15
C SER C 55 -11.97 -20.28 22.67
N TYR C 56 -12.41 -20.48 23.91
CA TYR C 56 -13.44 -19.65 24.54
C TYR C 56 -13.02 -18.19 24.57
N LEU C 57 -11.71 -17.94 24.66
CA LEU C 57 -11.15 -16.60 24.55
C LEU C 57 -11.69 -15.83 23.35
N TRP C 58 -12.03 -16.52 22.25
CA TRP C 58 -12.40 -15.83 21.03
C TRP C 58 -13.92 -15.72 20.85
N ARG C 59 -14.70 -16.14 21.84
CA ARG C 59 -16.15 -16.30 21.66
C ARG C 59 -16.86 -15.00 21.29
N ASN C 60 -16.35 -13.83 21.70
CA ASN C 60 -16.99 -12.56 21.34
C ASN C 60 -16.25 -11.83 20.23
N VAL C 61 -15.12 -12.35 19.78
CA VAL C 61 -14.45 -11.81 18.61
C VAL C 61 -14.99 -12.44 17.33
N ILE C 62 -15.18 -13.76 17.36
CA ILE C 62 -15.54 -14.51 16.16
C ILE C 62 -16.86 -14.03 15.55
N PRO C 63 -17.95 -13.80 16.33
CA PRO C 63 -19.22 -13.38 15.71
C PRO C 63 -19.10 -12.17 14.79
N HIS C 64 -18.05 -11.38 14.96
CA HIS C 64 -17.85 -10.24 14.09
C HIS C 64 -17.11 -10.61 12.81
N VAL C 65 -16.64 -11.84 12.69
CA VAL C 65 -15.90 -12.27 11.50
C VAL C 65 -16.59 -13.41 10.76
N GLU C 66 -17.51 -14.15 11.40
CA GLU C 66 -18.25 -15.20 10.70
C GLU C 66 -18.95 -14.73 9.42
N PRO C 67 -19.62 -13.56 9.38
CA PRO C 67 -20.25 -13.16 8.11
C PRO C 67 -19.32 -13.16 6.91
N LEU C 68 -18.06 -12.76 7.09
CA LEU C 68 -17.10 -12.70 5.99
C LEU C 68 -16.34 -14.00 5.79
N ALA C 69 -16.11 -14.80 6.83
CA ALA C 69 -15.21 -15.91 6.65
C ALA C 69 -15.63 -17.07 7.55
N ARG C 70 -15.23 -18.27 7.12
CA ARG C 70 -15.24 -19.41 8.01
C ARG C 70 -14.14 -19.23 9.06
N CYS C 71 -14.54 -19.32 10.33
CA CYS C 71 -13.64 -19.17 11.46
C CYS C 71 -13.48 -20.52 12.14
N LEU C 72 -12.23 -20.86 12.46
CA LEU C 72 -11.90 -22.00 13.29
C LEU C 72 -11.08 -21.52 14.47
N ALA C 73 -11.23 -22.20 15.60
CA ALA C 73 -10.58 -21.82 16.84
C ALA C 73 -10.32 -23.08 17.62
N PRO C 74 -9.12 -23.66 17.50
CA PRO C 74 -8.81 -24.87 18.25
C PRO C 74 -8.42 -24.59 19.69
N ASP C 75 -8.71 -25.57 20.56
CA ASP C 75 -8.08 -25.62 21.87
C ASP C 75 -6.73 -26.30 21.74
N LEU C 76 -5.67 -25.63 22.22
CA LEU C 76 -4.34 -26.24 22.19
C LEU C 76 -4.34 -27.54 22.97
N ILE C 77 -3.36 -28.40 22.66
CA ILE C 77 -3.31 -29.71 23.32
C ILE C 77 -3.10 -29.51 24.81
N GLY C 78 -3.78 -30.33 25.62
CA GLY C 78 -3.78 -30.16 27.07
C GLY C 78 -4.63 -29.02 27.59
N MET C 79 -5.29 -28.27 26.73
CA MET C 79 -6.03 -27.08 27.11
C MET C 79 -7.41 -27.10 26.46
N GLY C 80 -8.32 -26.31 27.00
CA GLY C 80 -9.67 -26.35 26.47
C GLY C 80 -10.26 -27.73 26.68
N LYS C 81 -10.95 -28.23 25.67
CA LYS C 81 -11.46 -29.60 25.69
C LYS C 81 -10.60 -30.56 24.86
N SER C 82 -9.36 -30.16 24.55
CA SER C 82 -8.45 -31.05 23.86
C SER C 82 -7.83 -32.03 24.85
N GLY C 83 -7.25 -33.10 24.30
CA GLY C 83 -6.78 -34.18 25.15
C GLY C 83 -5.60 -33.77 26.01
N LYS C 84 -5.48 -34.43 27.16
CA LYS C 84 -4.30 -34.36 28.02
C LYS C 84 -3.21 -35.29 27.50
N LEU C 85 -1.94 -34.90 27.75
CA LEU C 85 -0.87 -35.79 27.33
C LEU C 85 -0.39 -36.60 28.52
N PRO C 86 -0.31 -37.92 28.39
CA PRO C 86 0.01 -38.76 29.57
C PRO C 86 1.36 -38.44 30.18
N ASN C 87 2.37 -38.11 29.36
CA ASN C 87 3.70 -37.80 29.87
C ASN C 87 3.82 -36.38 30.39
N HIS C 88 2.80 -35.54 30.24
CA HIS C 88 2.81 -34.18 30.79
C HIS C 88 3.93 -33.31 30.19
N SER C 89 4.30 -33.56 28.94
CA SER C 89 5.28 -32.71 28.25
C SER C 89 4.49 -31.82 27.31
N TYR C 90 4.33 -30.55 27.69
CA TYR C 90 3.62 -29.55 26.90
C TYR C 90 4.57 -28.43 26.48
N ARG C 91 5.77 -28.79 26.05
CA ARG C 91 6.74 -27.81 25.59
C ARG C 91 6.25 -27.22 24.26
N PHE C 92 6.91 -26.13 23.83
CA PHE C 92 6.54 -25.53 22.55
C PHE C 92 6.47 -26.59 21.46
N VAL C 93 7.54 -27.36 21.29
CA VAL C 93 7.61 -28.28 20.13
C VAL C 93 6.54 -29.37 20.23
N ASP C 94 6.21 -29.83 21.45
CA ASP C 94 5.07 -30.75 21.63
C ASP C 94 3.78 -30.13 21.10
N HIS C 95 3.46 -28.92 21.57
CA HIS C 95 2.28 -28.19 21.12
C HIS C 95 2.24 -28.07 19.61
N TYR C 96 3.38 -27.67 19.02
CA TYR C 96 3.44 -27.48 17.58
C TYR C 96 3.21 -28.79 16.84
N ARG C 97 3.76 -29.90 17.36
CA ARG C 97 3.48 -31.22 16.79
C ARG C 97 1.98 -31.43 16.66
N TYR C 98 1.24 -31.25 17.75
CA TYR C 98 -0.20 -31.52 17.70
C TYR C 98 -0.92 -30.46 16.87
N LEU C 99 -0.55 -29.20 17.04
CA LEU C 99 -1.16 -28.13 16.26
C LEU C 99 -0.89 -28.30 14.76
N SER C 100 0.34 -28.67 14.40
CA SER C 100 0.68 -28.92 13.00
C SER C 100 -0.28 -29.91 12.38
N ALA C 101 -0.46 -31.05 13.05
CA ALA C 101 -1.36 -32.09 12.58
C ALA C 101 -2.80 -31.61 12.51
N TRP C 102 -3.25 -30.85 13.52
CA TRP C 102 -4.61 -30.32 13.50
C TRP C 102 -4.85 -29.48 12.25
N PHE C 103 -3.83 -28.76 11.79
CA PHE C 103 -3.98 -27.93 10.60
C PHE C 103 -4.30 -28.76 9.36
N ASP C 104 -3.81 -30.00 9.31
CA ASP C 104 -4.02 -30.89 8.17
C ASP C 104 -5.22 -31.81 8.33
N SER C 105 -5.94 -31.74 9.46
CA SER C 105 -7.08 -32.63 9.72
C SER C 105 -8.43 -31.95 9.59
N VAL C 106 -8.46 -30.65 9.30
CA VAL C 106 -9.69 -29.89 9.36
C VAL C 106 -10.06 -29.27 8.03
N ASN C 107 -9.42 -29.73 6.95
CA ASN C 107 -9.92 -29.48 5.60
C ASN C 107 -9.83 -27.99 5.26
N LEU C 108 -8.64 -27.43 5.43
CA LEU C 108 -8.43 -26.01 5.19
C LEU C 108 -8.25 -25.73 3.70
N PRO C 109 -8.60 -24.52 3.23
CA PRO C 109 -8.27 -24.13 1.86
C PRO C 109 -6.79 -23.87 1.69
N GLU C 110 -6.39 -23.40 0.51
CA GLU C 110 -4.97 -23.29 0.22
C GLU C 110 -4.31 -22.20 1.04
N LYS C 111 -4.94 -21.03 1.15
CA LYS C 111 -4.40 -19.92 1.94
C LYS C 111 -5.39 -19.56 3.05
N VAL C 112 -4.87 -19.42 4.27
CA VAL C 112 -5.67 -19.09 5.43
C VAL C 112 -5.11 -17.83 6.07
N THR C 113 -5.86 -17.31 7.04
CA THR C 113 -5.43 -16.15 7.83
C THR C 113 -5.36 -16.56 9.29
N ILE C 114 -4.31 -16.10 9.98
CA ILE C 114 -4.03 -16.49 11.36
C ILE C 114 -4.35 -15.29 12.25
N VAL C 115 -5.27 -15.49 13.19
CA VAL C 115 -5.48 -14.56 14.30
C VAL C 115 -4.92 -15.22 15.54
N CYS C 116 -3.91 -14.59 16.13
CA CYS C 116 -3.15 -15.27 17.18
C CYS C 116 -2.77 -14.33 18.29
N HIS C 117 -2.51 -14.93 19.44
CA HIS C 117 -2.44 -14.25 20.73
C HIS C 117 -1.49 -15.02 21.62
N ASP C 118 -0.52 -14.33 22.20
CA ASP C 118 0.30 -14.90 23.26
C ASP C 118 1.03 -16.11 22.67
N TRP C 119 1.02 -17.26 23.33
CA TRP C 119 1.74 -18.40 22.80
C TRP C 119 1.09 -19.00 21.56
N GLY C 120 -0.22 -18.79 21.38
CA GLY C 120 -0.83 -19.07 20.10
C GLY C 120 -0.14 -18.36 18.95
N SER C 121 0.44 -17.18 19.21
CA SER C 121 1.17 -16.47 18.16
C SER C 121 2.56 -17.08 17.96
N GLY C 122 3.19 -17.55 19.04
CA GLY C 122 4.42 -18.28 18.86
C GLY C 122 4.24 -19.47 17.95
N LEU C 123 3.20 -20.26 18.22
CA LEU C 123 2.93 -21.43 17.37
C LEU C 123 2.44 -21.00 15.99
N GLY C 124 1.67 -19.92 15.92
CA GLY C 124 1.16 -19.46 14.65
C GLY C 124 2.22 -18.81 13.78
N PHE C 125 3.05 -17.95 14.38
CA PHE C 125 4.17 -17.36 13.64
C PHE C 125 5.06 -18.45 13.08
N HIS C 126 5.34 -19.48 13.88
CA HIS C 126 6.17 -20.58 13.43
C HIS C 126 5.49 -21.33 12.29
N TRP C 127 4.21 -21.67 12.45
CA TRP C 127 3.52 -22.41 11.40
C TRP C 127 3.50 -21.65 10.09
N CYS C 128 3.33 -20.32 10.14
CA CYS C 128 3.39 -19.52 8.94
C CYS C 128 4.77 -19.57 8.32
N ASN C 129 5.80 -19.42 9.16
CA ASN C 129 7.18 -19.41 8.67
C ASN C 129 7.53 -20.71 7.96
N GLU C 130 6.89 -21.82 8.34
CA GLU C 130 7.13 -23.11 7.73
C GLU C 130 6.13 -23.44 6.63
N HIS C 131 5.07 -22.67 6.49
CA HIS C 131 4.06 -22.92 5.47
C HIS C 131 3.67 -21.61 4.79
N ARG C 132 4.68 -20.78 4.48
CA ARG C 132 4.46 -19.42 3.98
C ARG C 132 3.57 -19.38 2.75
N ASP C 133 3.54 -20.47 2.00
CA ASP C 133 2.64 -20.63 0.87
C ASP C 133 1.17 -20.59 1.27
N ARG C 134 0.85 -20.83 2.54
CA ARG C 134 -0.54 -20.92 3.01
C ARG C 134 -1.03 -19.66 3.69
N VAL C 135 -0.21 -18.63 3.78
CA VAL C 135 -0.48 -17.48 4.65
C VAL C 135 -1.13 -16.38 3.83
N LYS C 136 -2.44 -16.17 4.04
CA LYS C 136 -3.12 -15.03 3.46
C LYS C 136 -2.96 -13.76 4.30
N GLY C 137 -2.85 -13.90 5.62
CA GLY C 137 -2.62 -12.74 6.48
C GLY C 137 -2.43 -13.19 7.92
N ILE C 138 -1.86 -12.29 8.72
CA ILE C 138 -1.55 -12.54 10.12
C ILE C 138 -2.08 -11.38 10.95
N VAL C 139 -2.96 -11.68 11.91
CA VAL C 139 -3.40 -10.72 12.93
C VAL C 139 -2.84 -11.19 14.26
N HIS C 140 -2.08 -10.33 14.92
CA HIS C 140 -1.40 -10.73 16.15
C HIS C 140 -1.54 -9.65 17.22
N MET C 141 -1.60 -10.09 18.48
CA MET C 141 -1.83 -9.23 19.62
C MET C 141 -1.18 -9.88 20.84
N GLU C 142 -0.57 -9.06 21.69
CA GLU C 142 0.13 -9.55 22.89
C GLU C 142 0.92 -10.81 22.55
N SER C 143 1.75 -10.68 21.52
CA SER C 143 2.32 -11.76 20.73
C SER C 143 3.80 -11.96 21.01
N VAL C 144 4.29 -13.15 20.67
CA VAL C 144 5.70 -13.52 20.84
C VAL C 144 6.38 -13.13 19.53
N VAL C 145 6.92 -11.91 19.48
CA VAL C 145 7.45 -11.41 18.21
C VAL C 145 8.95 -11.52 18.11
N ASP C 146 9.65 -11.74 19.21
CA ASP C 146 11.10 -11.78 19.17
C ASP C 146 11.62 -12.42 20.45
N VAL C 147 12.92 -12.75 20.43
CA VAL C 147 13.61 -13.18 21.64
C VAL C 147 13.77 -11.98 22.57
N ILE C 148 13.74 -12.23 23.88
CA ILE C 148 14.01 -11.19 24.86
C ILE C 148 15.53 -11.05 24.99
N GLU C 149 16.07 -9.95 24.46
CA GLU C 149 17.52 -9.75 24.42
C GLU C 149 18.02 -8.80 25.50
N SER C 150 17.18 -7.91 26.01
CA SER C 150 17.54 -7.10 27.16
C SER C 150 16.24 -6.73 27.87
N TRP C 151 16.29 -6.72 29.20
CA TRP C 151 15.06 -6.73 29.98
C TRP C 151 14.38 -5.37 30.06
N ASP C 152 15.12 -4.28 29.85
CA ASP C 152 14.55 -2.94 29.98
C ASP C 152 13.67 -2.56 28.79
N GLU C 153 13.67 -3.36 27.72
CA GLU C 153 12.71 -3.19 26.64
C GLU C 153 11.36 -3.85 26.92
N TRP C 154 11.25 -4.67 27.96
CA TRP C 154 10.16 -5.60 28.18
C TRP C 154 9.51 -5.39 29.54
N PRO C 155 8.30 -5.90 29.74
CA PRO C 155 7.72 -5.92 31.09
C PRO C 155 8.71 -6.50 32.09
N ASP C 156 8.69 -5.95 33.31
CA ASP C 156 9.68 -6.35 34.30
C ASP C 156 9.20 -7.61 35.02
N ILE C 157 9.36 -8.73 34.33
CA ILE C 157 8.94 -10.04 34.83
C ILE C 157 10.13 -10.96 35.04
N GLU C 158 11.34 -10.38 35.11
CA GLU C 158 12.55 -11.20 35.15
C GLU C 158 12.56 -12.11 36.36
N GLU C 159 12.31 -11.54 37.55
CA GLU C 159 12.32 -12.37 38.74
C GLU C 159 11.08 -13.24 38.84
N ASP C 160 10.00 -12.86 38.18
CA ASP C 160 8.80 -13.70 38.11
C ASP C 160 9.09 -14.97 37.31
N ILE C 161 9.74 -14.84 36.15
CA ILE C 161 10.09 -15.99 35.33
C ILE C 161 11.07 -16.87 36.08
N ALA C 162 12.11 -16.27 36.67
CA ALA C 162 13.05 -17.03 37.49
C ALA C 162 12.32 -17.86 38.55
N LEU C 163 11.33 -17.25 39.22
CA LEU C 163 10.60 -17.95 40.26
C LEU C 163 9.72 -19.06 39.68
N ILE C 164 9.05 -18.80 38.56
CA ILE C 164 8.20 -19.83 37.97
C ILE C 164 9.04 -21.01 37.45
N LYS C 165 10.30 -20.77 37.11
CA LYS C 165 11.17 -21.87 36.71
C LYS C 165 11.70 -22.67 37.89
N SER C 166 11.53 -22.17 39.11
CA SER C 166 11.98 -22.87 40.30
C SER C 166 10.87 -23.81 40.80
N GLU C 167 11.25 -24.70 41.74
CA GLU C 167 10.30 -25.64 42.30
C GLU C 167 9.03 -24.97 42.79
N ALA C 168 9.13 -23.69 43.20
CA ALA C 168 7.97 -22.93 43.63
C ALA C 168 6.97 -22.78 42.49
N GLY C 169 7.45 -22.92 41.25
CA GLY C 169 6.56 -22.85 40.12
C GLY C 169 5.55 -23.98 40.12
N GLU C 170 6.02 -25.21 40.38
CA GLU C 170 5.11 -26.34 40.51
C GLU C 170 4.02 -26.01 41.51
N GLU C 171 4.43 -25.49 42.67
CA GLU C 171 3.47 -25.24 43.75
C GLU C 171 2.49 -24.15 43.38
N MET C 172 2.99 -23.01 42.86
CA MET C 172 2.10 -21.93 42.45
C MET C 172 1.07 -22.42 41.45
N VAL C 173 1.47 -23.29 40.52
CA VAL C 173 0.63 -23.63 39.38
C VAL C 173 -0.11 -24.95 39.59
N LEU C 174 0.60 -26.05 39.86
CA LEU C 174 -0.08 -27.35 39.94
C LEU C 174 -1.06 -27.40 41.11
N LYS C 175 -0.66 -26.88 42.27
CA LYS C 175 -1.49 -26.91 43.45
C LYS C 175 -2.41 -25.69 43.57
N LYS C 176 -1.88 -24.49 43.26
CA LYS C 176 -2.66 -23.27 43.49
C LYS C 176 -3.21 -22.65 42.21
N ASN C 177 -2.88 -23.17 41.03
CA ASN C 177 -3.51 -22.74 39.78
C ASN C 177 -3.29 -21.23 39.55
N PHE C 178 -2.05 -20.81 39.77
CA PHE C 178 -1.71 -19.38 39.83
C PHE C 178 -2.13 -18.66 38.57
N PHE C 179 -1.96 -19.29 37.41
CA PHE C 179 -2.19 -18.58 36.16
C PHE C 179 -3.67 -18.35 35.92
N ILE C 180 -4.50 -19.29 36.34
CA ILE C 180 -5.94 -19.16 36.16
C ILE C 180 -6.55 -18.22 37.21
N GLU C 181 -6.16 -18.37 38.49
CA GLU C 181 -6.87 -17.66 39.55
C GLU C 181 -6.31 -16.26 39.82
N ARG C 182 -5.07 -16.00 39.44
CA ARG C 182 -4.42 -14.73 39.75
C ARG C 182 -4.02 -14.00 38.49
N LEU C 183 -3.11 -14.56 37.69
CA LEU C 183 -2.62 -13.84 36.52
C LEU C 183 -3.74 -13.51 35.56
N LEU C 184 -4.65 -14.45 35.31
CA LEU C 184 -5.73 -14.23 34.35
C LEU C 184 -6.66 -13.08 34.75
N PRO C 185 -7.30 -13.10 35.93
CA PRO C 185 -8.22 -11.99 36.25
C PRO C 185 -7.49 -10.66 36.39
N SER C 186 -6.22 -10.70 36.78
CA SER C 186 -5.45 -9.48 36.96
C SER C 186 -5.14 -8.77 35.65
N SER C 187 -5.24 -9.43 34.50
CA SER C 187 -4.94 -8.78 33.23
C SER C 187 -6.18 -8.57 32.37
N ILE C 188 -7.34 -8.55 33.00
CA ILE C 188 -8.61 -8.19 32.38
C ILE C 188 -9.13 -6.97 33.14
N MET C 189 -9.44 -5.90 32.43
CA MET C 189 -9.82 -4.67 33.13
C MET C 189 -11.20 -4.75 33.74
N ARG C 190 -12.14 -5.41 33.07
CA ARG C 190 -13.46 -5.66 33.65
C ARG C 190 -13.41 -6.88 34.56
N LYS C 191 -14.58 -7.25 35.11
CA LYS C 191 -14.72 -8.44 35.94
C LYS C 191 -15.46 -9.53 35.15
N LEU C 192 -14.83 -10.69 35.02
CA LEU C 192 -15.49 -11.84 34.43
C LEU C 192 -16.65 -12.30 35.31
N SER C 193 -17.73 -12.72 34.67
CA SER C 193 -18.80 -13.38 35.41
C SER C 193 -18.29 -14.70 35.98
N GLU C 194 -19.06 -15.26 36.92
CA GLU C 194 -18.73 -16.58 37.43
C GLU C 194 -18.81 -17.64 36.34
N GLU C 195 -19.69 -17.44 35.36
CA GLU C 195 -19.80 -18.38 34.25
C GLU C 195 -18.60 -18.27 33.32
N GLU C 196 -18.11 -17.05 33.09
CA GLU C 196 -16.90 -16.89 32.28
C GLU C 196 -15.70 -17.44 33.01
N MET C 197 -15.58 -17.15 34.30
CA MET C 197 -14.45 -17.69 35.05
C MET C 197 -14.46 -19.22 35.07
N ASP C 198 -15.62 -19.83 35.29
CA ASP C 198 -15.66 -21.29 35.35
C ASP C 198 -15.29 -21.88 34.00
N ALA C 199 -15.67 -21.21 32.91
CA ALA C 199 -15.27 -21.63 31.58
C ALA C 199 -13.75 -21.69 31.45
N TYR C 200 -13.03 -20.78 32.10
CA TYR C 200 -11.57 -20.83 32.08
C TYR C 200 -11.02 -21.80 33.11
N ARG C 201 -11.77 -22.05 34.18
CA ARG C 201 -11.31 -22.99 35.20
C ARG C 201 -11.44 -24.43 34.74
N GLU C 202 -12.42 -24.72 33.87
CA GLU C 202 -12.85 -26.10 33.62
C GLU C 202 -11.72 -27.04 33.22
N PRO C 203 -10.89 -26.74 32.21
CA PRO C 203 -9.81 -27.66 31.86
C PRO C 203 -8.82 -27.92 32.98
N PHE C 204 -8.79 -27.10 34.02
CA PHE C 204 -7.77 -27.23 35.06
C PHE C 204 -8.35 -27.46 36.46
N VAL C 205 -9.64 -27.81 36.56
CA VAL C 205 -10.29 -27.95 37.86
C VAL C 205 -9.59 -28.99 38.72
N GLU C 206 -9.13 -30.07 38.13
CA GLU C 206 -8.41 -31.07 38.92
C GLU C 206 -6.99 -30.57 39.23
N PRO C 207 -6.59 -30.52 40.50
CA PRO C 207 -5.21 -30.11 40.82
C PRO C 207 -4.22 -31.12 40.26
N GLY C 208 -2.95 -30.71 40.22
CA GLY C 208 -1.89 -31.59 39.76
C GLY C 208 -1.48 -31.36 38.32
N GLU C 209 -1.23 -32.44 37.59
CA GLU C 209 -0.59 -32.33 36.28
C GLU C 209 -1.53 -31.87 35.18
N SER C 210 -2.84 -31.85 35.41
CA SER C 210 -3.72 -31.28 34.41
C SER C 210 -3.46 -29.78 34.22
N ARG C 211 -2.79 -29.16 35.19
CA ARG C 211 -2.41 -27.76 35.13
C ARG C 211 -1.03 -27.57 34.49
N ARG C 212 -0.36 -28.65 34.10
CA ARG C 212 1.00 -28.55 33.59
C ARG C 212 1.15 -27.59 32.41
N PRO C 213 0.23 -27.54 31.42
CA PRO C 213 0.48 -26.61 30.30
C PRO C 213 0.54 -25.17 30.73
N THR C 214 -0.19 -24.78 31.80
CA THR C 214 -0.10 -23.40 32.26
C THR C 214 1.19 -23.11 33.03
N LEU C 215 1.94 -24.15 33.40
CA LEU C 215 3.26 -23.96 33.99
C LEU C 215 4.36 -24.02 32.95
N THR C 216 4.24 -24.92 31.98
CA THR C 216 5.31 -25.10 31.01
C THR C 216 5.39 -23.93 30.06
N TRP C 217 4.26 -23.31 29.75
CA TRP C 217 4.26 -22.19 28.81
C TRP C 217 5.14 -21.05 29.29
N PRO C 218 5.00 -20.53 30.51
CA PRO C 218 5.93 -19.47 30.93
C PRO C 218 7.37 -19.94 31.03
N ARG C 219 7.61 -21.23 31.31
CA ARG C 219 8.99 -21.70 31.32
C ARG C 219 9.60 -21.76 29.93
N GLU C 220 8.79 -21.67 28.88
CA GLU C 220 9.32 -21.66 27.52
C GLU C 220 9.72 -20.27 27.03
N ILE C 221 9.56 -19.23 27.85
CA ILE C 221 9.67 -17.86 27.33
C ILE C 221 11.09 -17.64 26.77
N PRO C 222 11.23 -17.17 25.54
CA PRO C 222 12.57 -17.10 24.95
C PRO C 222 13.37 -15.91 25.47
N ILE C 223 14.21 -16.14 26.46
CA ILE C 223 15.11 -15.12 27.01
C ILE C 223 16.52 -15.43 26.53
N LYS C 224 17.15 -14.45 25.86
CA LYS C 224 18.41 -14.57 25.12
C LYS C 224 19.41 -15.60 25.65
N GLY C 225 19.75 -15.54 26.93
CA GLY C 225 20.72 -16.48 27.46
C GLY C 225 20.16 -17.34 28.57
N ASP C 226 18.83 -17.41 28.65
CA ASP C 226 18.13 -18.21 29.64
C ASP C 226 17.41 -19.40 29.02
N GLY C 227 17.75 -19.77 27.78
CA GLY C 227 17.11 -20.87 27.08
C GLY C 227 15.62 -20.63 26.98
N PRO C 228 14.87 -21.62 26.50
CA PRO C 228 15.33 -22.84 25.83
C PRO C 228 15.87 -22.53 24.45
N GLU C 229 16.90 -23.29 24.05
CA GLU C 229 17.58 -23.04 22.78
C GLU C 229 16.68 -23.35 21.59
N ASP C 230 15.95 -24.46 21.62
CA ASP C 230 15.10 -24.81 20.49
C ASP C 230 14.08 -23.70 20.22
N VAL C 231 13.49 -23.12 21.27
CA VAL C 231 12.47 -22.08 21.10
C VAL C 231 13.11 -20.78 20.65
N ILE C 232 14.25 -20.41 21.26
CA ILE C 232 14.99 -19.23 20.81
C ILE C 232 15.25 -19.29 19.32
N GLU C 233 15.76 -20.43 18.83
CA GLU C 233 16.09 -20.55 17.42
C GLU C 233 14.83 -20.39 16.56
N ILE C 234 13.75 -21.07 16.94
CA ILE C 234 12.48 -20.97 16.23
C ILE C 234 12.03 -19.52 16.17
N VAL C 235 12.05 -18.81 17.31
CA VAL C 235 11.55 -17.45 17.36
C VAL C 235 12.45 -16.52 16.54
N LYS C 236 13.77 -16.63 16.73
CA LYS C 236 14.72 -15.88 15.90
C LYS C 236 14.45 -16.05 14.41
N SER C 237 14.12 -17.27 14.00
CA SER C 237 13.93 -17.56 12.58
C SER C 237 12.62 -16.97 12.06
N TYR C 238 11.52 -17.13 12.81
CA TYR C 238 10.29 -16.53 12.31
C TYR C 238 10.28 -15.02 12.51
N ASN C 239 11.05 -14.50 13.47
CA ASN C 239 11.17 -13.06 13.55
C ASN C 239 11.86 -12.51 12.30
N LYS C 240 12.96 -13.15 11.88
CA LYS C 240 13.65 -12.66 10.69
C LYS C 240 12.75 -12.76 9.46
N TRP C 241 11.98 -13.86 9.33
CA TRP C 241 11.05 -13.95 8.21
C TRP C 241 10.02 -12.80 8.25
N LEU C 242 9.45 -12.55 9.42
CA LEU C 242 8.39 -11.54 9.49
C LEU C 242 8.97 -10.14 9.33
N SER C 243 10.19 -9.92 9.80
CA SER C 243 10.83 -8.60 9.73
C SER C 243 11.03 -8.11 8.31
N THR C 244 11.02 -8.98 7.29
CA THR C 244 11.13 -8.55 5.91
C THR C 244 9.94 -9.00 5.07
N SER C 245 8.82 -9.37 5.71
CA SER C 245 7.72 -10.04 5.03
C SER C 245 6.77 -9.04 4.36
N LYS C 246 7.32 -8.28 3.40
CA LYS C 246 6.57 -7.25 2.71
C LYS C 246 5.33 -7.79 2.00
N ASP C 247 5.28 -9.08 1.68
CA ASP C 247 4.14 -9.66 0.98
C ASP C 247 3.13 -10.30 1.92
N ILE C 248 3.31 -10.21 3.23
CA ILE C 248 2.36 -10.79 4.17
C ILE C 248 1.59 -9.65 4.84
N PRO C 249 0.33 -9.43 4.47
CA PRO C 249 -0.46 -8.41 5.17
C PRO C 249 -0.56 -8.75 6.65
N LYS C 250 -0.25 -7.76 7.49
CA LYS C 250 -0.13 -7.96 8.92
C LYS C 250 -0.90 -6.89 9.67
N LEU C 251 -1.67 -7.33 10.67
CA LEU C 251 -2.45 -6.45 11.54
C LEU C 251 -1.93 -6.66 12.96
N PHE C 252 -1.32 -5.63 13.53
CA PHE C 252 -0.88 -5.65 14.91
C PHE C 252 -1.97 -4.96 15.71
N ILE C 253 -2.73 -5.73 16.49
CA ILE C 253 -3.73 -5.13 17.35
C ILE C 253 -3.03 -4.80 18.67
N ASN C 254 -2.78 -3.51 18.87
CA ASN C 254 -2.10 -3.00 20.05
C ASN C 254 -3.12 -2.83 21.18
N ALA C 255 -2.78 -3.37 22.36
CA ALA C 255 -3.60 -3.17 23.57
C ALA C 255 -3.01 -2.07 24.44
N ASP C 256 -3.84 -1.12 24.85
CA ASP C 256 -3.39 -0.07 25.79
C ASP C 256 -4.22 -0.15 27.07
N PRO C 257 -3.59 -0.29 28.25
CA PRO C 257 -2.13 -0.30 28.44
C PRO C 257 -1.43 -1.54 27.90
N GLY C 258 -2.17 -2.66 27.76
CA GLY C 258 -1.56 -3.89 27.33
C GLY C 258 -0.57 -4.41 28.36
N PHE C 259 0.22 -5.40 27.93
CA PHE C 259 1.27 -5.96 28.77
C PHE C 259 2.57 -6.03 27.98
N PHE C 260 2.58 -6.81 26.90
CA PHE C 260 3.70 -6.87 25.99
C PHE C 260 3.58 -5.87 24.87
N SER C 261 2.39 -5.25 24.74
CA SER C 261 2.10 -4.38 23.61
C SER C 261 3.17 -3.31 23.41
N ASN C 262 3.62 -2.68 24.50
CA ASN C 262 4.67 -1.67 24.35
C ASN C 262 5.88 -2.27 23.65
N ALA C 263 6.38 -3.38 24.17
CA ALA C 263 7.56 -4.01 23.60
C ALA C 263 7.31 -4.46 22.16
N ILE C 264 6.10 -4.95 21.86
CA ILE C 264 5.82 -5.42 20.50
C ILE C 264 5.85 -4.25 19.52
N LYS C 265 5.40 -3.07 19.95
CA LYS C 265 5.41 -1.92 19.06
C LYS C 265 6.84 -1.54 18.67
N LYS C 266 7.78 -1.68 19.60
CA LYS C 266 9.18 -1.34 19.29
C LYS C 266 9.81 -2.39 18.38
N VAL C 267 9.58 -3.67 18.70
CA VAL C 267 10.17 -4.77 17.93
C VAL C 267 9.72 -4.71 16.48
N THR C 268 8.47 -4.35 16.22
CA THR C 268 7.89 -4.47 14.90
C THR C 268 7.76 -3.15 14.18
N LYS C 269 8.37 -2.08 14.71
CA LYS C 269 8.23 -0.76 14.08
C LYS C 269 8.71 -0.75 12.64
N ASN C 270 9.73 -1.56 12.31
CA ASN C 270 10.25 -1.66 10.95
C ASN C 270 9.62 -2.77 10.13
N TRP C 271 8.83 -3.66 10.73
CA TRP C 271 8.19 -4.70 9.96
C TRP C 271 7.40 -4.08 8.81
N PRO C 272 7.59 -4.55 7.57
CA PRO C 272 6.82 -4.01 6.45
C PRO C 272 5.43 -4.59 6.41
N ASN C 273 4.54 -3.90 5.68
CA ASN C 273 3.15 -4.31 5.51
C ASN C 273 2.51 -4.72 6.83
N GLN C 274 2.64 -3.84 7.84
CA GLN C 274 1.97 -4.02 9.12
C GLN C 274 1.18 -2.76 9.45
N LYS C 275 -0.12 -2.91 9.62
CA LYS C 275 -1.02 -1.86 10.07
C LYS C 275 -1.36 -2.09 11.54
N THR C 276 -1.35 -1.02 12.32
CA THR C 276 -1.57 -1.09 13.77
C THR C 276 -2.91 -0.47 14.12
N VAL C 277 -3.72 -1.22 14.87
CA VAL C 277 -4.93 -0.72 15.51
C VAL C 277 -4.70 -0.82 17.01
N THR C 278 -5.24 0.15 17.76
CA THR C 278 -5.12 0.20 19.21
C THR C 278 -6.50 0.04 19.80
N VAL C 279 -6.63 -0.86 20.78
CA VAL C 279 -7.86 -0.97 21.56
C VAL C 279 -7.52 -1.01 23.04
N LYS C 280 -8.56 -0.81 23.85
CA LYS C 280 -8.42 -0.83 25.30
C LYS C 280 -8.23 -2.26 25.80
N GLY C 281 -7.22 -2.46 26.63
CA GLY C 281 -7.07 -3.76 27.28
C GLY C 281 -5.71 -3.89 27.93
N LEU C 282 -5.59 -4.97 28.69
CA LEU C 282 -4.32 -5.39 29.27
C LEU C 282 -3.80 -6.58 28.44
N HIS C 283 -3.39 -7.70 29.02
CA HIS C 283 -2.91 -8.81 28.20
C HIS C 283 -4.06 -9.52 27.52
N PHE C 284 -5.13 -9.78 28.26
CA PHE C 284 -6.27 -10.54 27.72
C PHE C 284 -7.27 -9.58 27.09
N LEU C 285 -6.80 -8.89 26.05
CA LEU C 285 -7.56 -7.81 25.45
C LEU C 285 -8.89 -8.28 24.86
N GLN C 286 -9.02 -9.55 24.52
CA GLN C 286 -10.27 -10.02 23.93
C GLN C 286 -11.44 -9.84 24.88
N GLU C 287 -11.16 -9.86 26.19
CA GLU C 287 -12.23 -9.78 27.17
C GLU C 287 -12.72 -8.36 27.40
N ASP C 288 -11.90 -7.34 27.14
CA ASP C 288 -12.32 -5.96 27.36
C ASP C 288 -12.80 -5.24 26.12
N SER C 289 -12.23 -5.52 24.94
CA SER C 289 -12.66 -4.89 23.69
C SER C 289 -12.91 -5.91 22.59
N PRO C 290 -13.80 -6.89 22.81
CA PRO C 290 -13.97 -7.93 21.77
C PRO C 290 -14.57 -7.40 20.48
N GLU C 291 -15.57 -6.53 20.57
CA GLU C 291 -16.19 -5.97 19.38
C GLU C 291 -15.20 -5.17 18.54
N GLU C 292 -14.41 -4.29 19.19
CA GLU C 292 -13.45 -3.50 18.44
C GLU C 292 -12.39 -4.39 17.80
N ILE C 293 -12.14 -5.56 18.37
CA ILE C 293 -11.14 -6.44 17.80
C ILE C 293 -11.73 -7.20 16.61
N GLY C 294 -12.90 -7.81 16.80
CA GLY C 294 -13.60 -8.42 15.69
C GLY C 294 -13.84 -7.46 14.53
N GLU C 295 -14.19 -6.22 14.84
CA GLU C 295 -14.46 -5.27 13.77
C GLU C 295 -13.17 -4.94 13.00
N ALA C 296 -12.03 -4.85 13.70
CA ALA C 296 -10.80 -4.55 12.99
C ALA C 296 -10.32 -5.75 12.20
N ILE C 297 -10.58 -6.95 12.71
CA ILE C 297 -10.32 -8.18 11.98
C ILE C 297 -11.21 -8.27 10.74
N ALA C 298 -12.50 -7.93 10.88
CA ALA C 298 -13.39 -7.85 9.73
C ALA C 298 -12.87 -6.85 8.68
N ASP C 299 -12.52 -5.63 9.12
CA ASP C 299 -11.95 -4.66 8.19
C ASP C 299 -10.71 -5.23 7.50
N PHE C 300 -9.92 -6.00 8.24
CA PHE C 300 -8.69 -6.55 7.71
C PHE C 300 -8.98 -7.48 6.55
N LEU C 301 -9.93 -8.41 6.77
CA LEU C 301 -10.43 -9.27 5.71
C LEU C 301 -10.86 -8.48 4.49
N ASN C 302 -11.84 -7.59 4.66
CA ASN C 302 -12.36 -6.82 3.54
C ASN C 302 -11.25 -6.16 2.74
N GLU C 303 -10.25 -5.60 3.44
CA GLU C 303 -9.12 -4.98 2.76
C GLU C 303 -8.23 -6.01 2.08
N LEU C 304 -8.24 -7.25 2.56
CA LEU C 304 -7.48 -8.33 1.94
C LEU C 304 -8.01 -8.65 0.54
N THR C 305 -7.67 -7.81 -0.44
CA THR C 305 -7.96 -8.06 -1.85
C THR C 305 -6.68 -7.85 -2.64
N LYS C 306 -6.18 -6.61 -2.67
CA LYS C 306 -4.75 -6.30 -2.91
C LYS C 306 -4.44 -4.82 -2.82
O33 CEI D . 9.53 20.21 -2.30
C2 CEI D . 8.48 19.69 -2.04
C10 CEI D . 7.92 19.77 -0.63
C11 CEI D . 8.08 18.47 0.15
C12 CEI D . 9.33 18.03 0.56
C13 CEI D . 9.45 16.85 1.28
C14 CEI D . 8.32 16.10 1.60
O17 CEI D . 8.42 14.90 2.34
C15 CEI D . 7.07 16.54 1.19
C16 CEI D . 6.96 17.71 0.45
N1 CEI D . 7.71 18.98 -3.05
C9 CEI D . 8.17 18.80 -4.43
C8 CEI D . 7.48 17.88 -5.18
C26 CEI D . 6.31 17.17 -4.52
C27 CEI D . 5.34 16.81 -5.61
C28 CEI D . 4.29 17.67 -5.88
C29 CEI D . 3.39 17.32 -6.89
C30 CEI D . 3.56 16.14 -7.59
C31 CEI D . 4.62 15.29 -7.30
C32 CEI D . 5.50 15.62 -6.30
N7 CEI D . 7.81 17.60 -6.42
C6 CEI D . 8.83 18.24 -6.95
C5 CEI D . 9.56 19.19 -6.22
N4 CEI D . 9.20 19.44 -4.96
C19 CEI D . 9.16 17.91 -8.40
C20 CEI D . 8.73 16.68 -8.90
C21 CEI D . 8.99 16.36 -10.23
C22 CEI D . 9.65 17.28 -11.03
O25 CEI D . 9.91 16.96 -12.37
C23 CEI D . 10.06 18.50 -10.51
C24 CEI D . 9.81 18.83 -9.20
O33 CEI E . 1.55 -11.93 -16.22
C2 CEI E . 1.89 -11.90 -17.36
C10 CEI E . 1.03 -11.13 -18.36
C11 CEI E . -0.18 -11.89 -18.88
C12 CEI E . -0.35 -12.04 -20.25
C13 CEI E . -1.45 -12.73 -20.74
C14 CEI E . -2.39 -13.27 -19.87
O17 CEI E . -3.50 -13.95 -20.37
C15 CEI E . -2.22 -13.10 -18.50
C16 CEI E . -1.13 -12.41 -18.01
N1 CEI E . 3.12 -12.56 -17.74
C9 CEI E . 3.96 -13.27 -16.78
C8 CEI E . 4.42 -14.57 -17.03
C26 CEI E . 4.02 -15.30 -18.29
C27 CEI E . 5.18 -15.12 -19.25
C28 CEI E . 5.83 -16.25 -19.72
C29 CEI E . 6.89 -16.09 -20.59
C30 CEI E . 7.27 -14.81 -20.96
C31 CEI E . 6.63 -13.68 -20.44
C32 CEI E . 5.57 -13.85 -19.58
N7 CEI E . 5.20 -15.21 -16.19
C6 CEI E . 5.55 -14.60 -15.07
C5 CEI E . 5.11 -13.31 -14.81
N4 CEI E . 4.33 -12.67 -15.67
C19 CEI E . 6.47 -15.32 -14.09
C20 CEI E . 7.21 -16.41 -14.52
C21 CEI E . 8.08 -17.05 -13.65
C22 CEI E . 8.21 -16.59 -12.35
O25 CEI E . 9.07 -17.24 -11.45
C23 CEI E . 7.47 -15.48 -11.92
C24 CEI E . 6.60 -14.84 -12.79
O33 CEI F . 5.42 -15.99 28.14
C2 CEI F . 4.37 -15.58 27.76
C10 CEI F . 4.02 -15.66 26.28
C11 CEI F . 4.57 -14.41 25.59
C12 CEI F . 3.71 -13.50 24.96
C13 CEI F . 4.26 -12.38 24.34
C14 CEI F . 5.63 -12.14 24.36
O17 CEI F . 6.16 -11.01 23.73
C15 CEI F . 6.47 -13.04 25.00
C16 CEI F . 5.94 -14.16 25.62
N1 CEI F . 3.41 -14.95 28.66
C9 CEI F . 3.66 -14.77 30.10
C8 CEI F . 2.90 -13.80 30.76
C26 CEI F . 1.85 -13.00 30.00
C27 CEI F . 0.86 -12.39 30.99
C28 CEI F . -0.43 -12.90 31.05
C29 CEI F . -1.34 -12.34 31.94
C30 CEI F . -0.97 -11.28 32.75
C31 CEI F . 0.32 -10.78 32.69
C32 CEI F . 1.23 -11.33 31.80
N7 CEI F . 3.08 -13.58 32.04
C6 CEI F . 4.00 -14.27 32.69
C5 CEI F . 4.76 -15.24 32.04
N4 CEI F . 4.58 -15.45 30.74
C19 CEI F . 4.12 -13.97 34.19
C20 CEI F . 3.88 -12.68 34.65
C21 CEI F . 3.96 -12.44 36.02
C22 CEI F . 4.23 -13.49 36.88
O25 CEI F . 4.31 -13.26 38.26
C23 CEI F . 4.45 -14.78 36.42
C24 CEI F . 4.39 -15.02 35.06
#